data_2C5U
#
_entry.id   2C5U
#
_cell.length_a   105.050
_cell.length_b   39.870
_cell.length_c   108.540
_cell.angle_alpha   90.00
_cell.angle_beta   117.27
_cell.angle_gamma   90.00
#
_symmetry.space_group_name_H-M   'P 1 21 1'
#
loop_
_entity.id
_entity.type
_entity.pdbx_description
1 polymer 'RNA LIGASE'
2 non-polymer 'DIPHOSPHOMETHYLPHOSPHONIC ACID ADENOSYL ESTER'
3 non-polymer 'CALCIUM ION'
4 non-polymer 'MAGNESIUM ION'
5 non-polymer 'CHLORIDE ION'
6 water water
#
_entity_poly.entity_id   1
_entity_poly.type   'polypeptide(L)'
_entity_poly.pdbx_seq_one_letter_code
;S(MSE)QELFNNL(MSE)ELCKDSQRKFFYSDDVSASGRTYRIFSYNYASYSDWLLPDALECRGI(MSE)FE(MSE)DGE
KPVRIASRP(MSE)EKFFNLNENPFT(MSE)NIDLNDVDYILTKEDGSLVSTYLDGDEILFKSKGSIKSEQAL(MSE)AN
GIL(MSE)NINHHRLRDRLKELAEDGFTANFEFVAPTNRIVLAYQE(MSE)KIILLNVRENETGEYISYDDIYKDATLRP
YLVERYEIDSPKWIEEAKNAENIEGYVAV(MSE)KDGSHFKIKSDWYVSLHSTKSSLDNPEKLFKTIIDGASDDLKA
(MSE)YADDEYSYRKIEAFETTYLKYLDRALFLVLDCHNKHCGKDRKTYA(MSE)EAQGVAKGAG(MSE)DHLFGII
(MSE)SLYQGYDSQEKV(MSE)CEIEQNFLKNYKKFIPEGY
;
_entity_poly.pdbx_strand_id   A,B
#
loop_
_chem_comp.id
_chem_comp.type
_chem_comp.name
_chem_comp.formula
APC non-polymer 'DIPHOSPHOMETHYLPHOSPHONIC ACID ADENOSYL ESTER' 'C11 H18 N5 O12 P3'
CA non-polymer 'CALCIUM ION' 'Ca 2'
CL non-polymer 'CHLORIDE ION' 'Cl -1'
MG non-polymer 'MAGNESIUM ION' 'Mg 2'
#
# COMPACT_ATOMS: atom_id res chain seq x y z
N SER A 1 37.89 15.77 2.44
CA SER A 1 38.11 15.59 0.97
C SER A 1 38.12 14.11 0.58
N MSE A 2 38.19 13.87 -0.72
CA MSE A 2 38.20 12.51 -1.27
C MSE A 2 39.43 11.73 -0.80
O MSE A 2 39.36 10.53 -0.55
CB MSE A 2 38.18 12.58 -2.80
CG MSE A 2 38.08 11.24 -3.52
SE MSE A 2 39.78 10.48 -4.05
CE MSE A 2 39.88 11.20 -5.83
N GLN A 3 40.56 12.41 -0.69
CA GLN A 3 41.80 11.77 -0.26
C GLN A 3 41.72 11.43 1.22
N GLU A 4 41.08 12.30 1.99
CA GLU A 4 40.92 12.09 3.43
C GLU A 4 40.01 10.89 3.69
N LEU A 5 38.94 10.78 2.90
CA LEU A 5 38.02 9.65 3.06
C LEU A 5 38.77 8.37 2.75
N PHE A 6 39.55 8.39 1.68
CA PHE A 6 40.32 7.23 1.28
C PHE A 6 41.32 6.82 2.36
N ASN A 7 42.00 7.79 2.95
CA ASN A 7 42.98 7.50 3.98
C ASN A 7 42.33 6.85 5.20
N ASN A 8 41.17 7.37 5.61
CA ASN A 8 40.48 6.82 6.75
C ASN A 8 40.01 5.39 6.48
N LEU A 9 39.61 5.12 5.24
CA LEU A 9 39.15 3.79 4.87
C LEU A 9 40.33 2.81 4.89
N MSE A 10 41.47 3.23 4.37
CA MSE A 10 42.65 2.36 4.36
C MSE A 10 43.06 2.09 5.80
O MSE A 10 43.52 1.00 6.13
CB MSE A 10 43.80 3.01 3.59
CG MSE A 10 43.69 2.90 2.06
SE MSE A 10 43.65 1.08 1.34
CE MSE A 10 45.55 0.70 1.40
N GLU A 11 42.86 3.06 6.68
CA GLU A 11 43.21 2.92 8.08
C GLU A 11 42.37 1.83 8.77
N LEU A 12 41.13 1.68 8.33
CA LEU A 12 40.23 0.67 8.89
C LEU A 12 40.62 -0.74 8.48
N CYS A 13 41.24 -0.87 7.32
CA CYS A 13 41.63 -2.18 6.80
C CYS A 13 42.91 -2.73 7.40
N LYS A 14 43.57 -1.96 8.26
CA LYS A 14 44.81 -2.42 8.89
C LYS A 14 44.58 -3.56 9.89
N ASP A 15 43.49 -3.48 10.64
CA ASP A 15 43.16 -4.49 11.65
C ASP A 15 43.16 -5.94 11.14
N SER A 16 42.07 -6.37 10.50
CA SER A 16 41.98 -7.74 9.97
C SER A 16 40.83 -7.90 8.99
N GLN A 17 40.98 -8.87 8.08
CA GLN A 17 39.96 -9.15 7.08
C GLN A 17 38.62 -9.53 7.70
N ARG A 18 38.63 -9.77 9.00
CA ARG A 18 37.42 -10.12 9.72
C ARG A 18 36.49 -8.90 9.78
N LYS A 19 37.10 -7.73 9.88
CA LYS A 19 36.39 -6.47 9.99
C LYS A 19 36.30 -5.76 8.64
N PHE A 20 37.03 -4.66 8.50
CA PHE A 20 37.04 -3.91 7.25
C PHE A 20 38.17 -4.34 6.35
N PHE A 21 37.89 -4.45 5.06
CA PHE A 21 38.91 -4.86 4.11
C PHE A 21 38.61 -4.26 2.74
N TYR A 22 39.58 -4.39 1.84
CA TYR A 22 39.40 -3.86 0.50
C TYR A 22 39.87 -4.92 -0.49
N SER A 23 39.44 -4.77 -1.73
CA SER A 23 39.85 -5.70 -2.78
C SER A 23 39.96 -4.95 -4.09
N ASP A 24 40.96 -5.31 -4.88
CA ASP A 24 41.21 -4.68 -6.16
C ASP A 24 40.58 -5.48 -7.28
N ASP A 25 39.95 -4.78 -8.22
CA ASP A 25 39.31 -5.41 -9.38
C ASP A 25 39.71 -4.67 -10.65
N VAL A 26 39.66 -5.38 -11.77
CA VAL A 26 40.00 -4.79 -13.06
C VAL A 26 38.80 -5.01 -13.97
N SER A 27 38.27 -3.94 -14.56
CA SER A 27 37.11 -4.08 -15.44
C SER A 27 37.51 -4.50 -16.85
N ALA A 28 36.52 -4.91 -17.64
CA ALA A 28 36.76 -5.34 -19.02
C ALA A 28 37.52 -4.31 -19.84
N SER A 29 37.37 -3.04 -19.48
CA SER A 29 38.06 -1.97 -20.21
C SER A 29 39.48 -1.82 -19.68
N GLY A 30 39.79 -2.55 -18.61
CA GLY A 30 41.11 -2.51 -18.03
C GLY A 30 41.34 -1.50 -16.93
N ARG A 31 40.30 -0.79 -16.52
CA ARG A 31 40.45 0.20 -15.46
C ARG A 31 40.55 -0.50 -14.10
N THR A 32 41.40 0.04 -13.22
CA THR A 32 41.63 -0.54 -11.90
C THR A 32 40.81 0.13 -10.77
N TYR A 33 40.02 -0.68 -10.09
CA TYR A 33 39.17 -0.20 -9.02
C TYR A 33 39.46 -0.86 -7.70
N ARG A 34 39.24 -0.14 -6.62
CA ARG A 34 39.44 -0.67 -5.27
C ARG A 34 38.13 -0.49 -4.50
N ILE A 35 37.58 -1.60 -4.04
CA ILE A 35 36.33 -1.60 -3.29
C ILE A 35 36.59 -1.80 -1.80
N PHE A 36 35.94 -1.00 -0.96
CA PHE A 36 36.09 -1.15 0.47
C PHE A 36 34.81 -1.78 1.01
N SER A 37 34.97 -2.88 1.74
CA SER A 37 33.85 -3.62 2.30
C SER A 37 34.12 -4.04 3.73
N TYR A 38 33.30 -4.95 4.23
CA TYR A 38 33.45 -5.45 5.59
C TYR A 38 32.77 -6.82 5.72
N ASN A 39 33.14 -7.57 6.74
CA ASN A 39 32.54 -8.88 6.98
C ASN A 39 31.75 -8.85 8.28
N TYR A 40 32.45 -8.63 9.38
CA TYR A 40 31.83 -8.57 10.70
C TYR A 40 32.31 -7.31 11.41
N ALA A 41 31.37 -6.57 11.98
CA ALA A 41 31.71 -5.34 12.69
C ALA A 41 30.80 -5.13 13.88
N SER A 42 31.38 -4.74 15.00
CA SER A 42 30.61 -4.48 16.22
C SER A 42 30.24 -3.00 16.22
N TYR A 43 29.42 -2.60 17.18
CA TYR A 43 29.03 -1.20 17.28
C TYR A 43 30.28 -0.34 17.42
N SER A 44 31.23 -0.81 18.23
CA SER A 44 32.47 -0.07 18.45
C SER A 44 33.24 0.10 17.14
N ASP A 45 33.21 -0.91 16.29
CA ASP A 45 33.91 -0.81 15.01
C ASP A 45 33.24 0.24 14.12
N TRP A 46 31.91 0.22 14.08
CA TRP A 46 31.15 1.17 13.27
C TRP A 46 31.36 2.61 13.74
N LEU A 47 31.95 2.78 14.92
CA LEU A 47 32.21 4.12 15.44
C LEU A 47 33.52 4.72 14.91
N LEU A 48 34.38 3.87 14.37
CA LEU A 48 35.66 4.33 13.82
C LEU A 48 35.45 5.31 12.67
N PRO A 49 36.42 6.20 12.43
CA PRO A 49 36.34 7.20 11.36
C PRO A 49 35.91 6.66 10.00
N ASP A 50 34.80 7.20 9.50
CA ASP A 50 34.23 6.80 8.22
C ASP A 50 33.93 5.32 8.08
N ALA A 51 33.83 4.61 9.19
CA ALA A 51 33.53 3.18 9.11
C ALA A 51 32.19 2.92 8.43
N LEU A 52 31.21 3.79 8.70
CA LEU A 52 29.87 3.63 8.12
C LEU A 52 29.85 3.75 6.60
N GLU A 53 30.95 4.25 6.02
CA GLU A 53 31.04 4.39 4.58
C GLU A 53 31.85 3.26 3.99
N CYS A 54 32.17 2.27 4.82
CA CYS A 54 32.99 1.15 4.36
C CYS A 54 32.20 -0.08 3.93
N ARG A 55 31.10 0.13 3.21
CA ARG A 55 30.30 -1.00 2.74
C ARG A 55 30.00 -0.85 1.26
N GLY A 56 31.02 -1.00 0.43
CA GLY A 56 30.82 -0.91 -1.00
C GLY A 56 31.35 0.31 -1.75
N ILE A 57 31.84 1.32 -1.05
CA ILE A 57 32.36 2.50 -1.74
C ILE A 57 33.52 2.04 -2.63
N MSE A 58 33.58 2.58 -3.85
CA MSE A 58 34.61 2.19 -4.81
C MSE A 58 35.35 3.40 -5.42
O MSE A 58 34.74 4.39 -5.78
CB MSE A 58 33.98 1.33 -5.93
CG MSE A 58 34.95 0.72 -6.96
SE MSE A 58 34.22 -0.65 -8.17
CE MSE A 58 33.66 0.50 -9.61
N PHE A 59 36.67 3.29 -5.48
CA PHE A 59 37.52 4.35 -6.05
C PHE A 59 38.24 3.81 -7.27
N GLU A 60 38.40 4.63 -8.31
CA GLU A 60 39.18 4.15 -9.44
C GLU A 60 40.59 4.42 -8.94
N MSE A 61 41.48 3.44 -9.10
CA MSE A 61 42.84 3.58 -8.61
C MSE A 61 43.92 3.75 -9.68
O MSE A 61 43.77 3.30 -10.81
CB MSE A 61 43.22 2.35 -7.77
CG MSE A 61 42.28 2.04 -6.60
SE MSE A 61 42.38 3.36 -5.22
CE MSE A 61 44.20 3.07 -4.63
N ASP A 62 45.01 4.37 -9.27
CA ASP A 62 46.19 4.55 -10.10
C ASP A 62 47.30 4.10 -9.17
N GLY A 63 47.48 2.79 -9.07
CA GLY A 63 48.48 2.25 -8.16
C GLY A 63 47.87 2.28 -6.78
N GLU A 64 48.46 3.06 -5.88
CA GLU A 64 47.95 3.18 -4.52
C GLU A 64 47.31 4.54 -4.28
N LYS A 65 47.28 5.37 -5.32
CA LYS A 65 46.67 6.68 -5.19
C LYS A 65 45.31 6.67 -5.85
N PRO A 66 44.28 7.11 -5.12
CA PRO A 66 42.92 7.15 -5.66
C PRO A 66 42.73 8.31 -6.62
N VAL A 67 42.11 8.05 -7.76
CA VAL A 67 41.87 9.10 -8.75
C VAL A 67 40.50 9.74 -8.57
N ARG A 68 39.51 8.92 -8.21
CA ARG A 68 38.14 9.42 -8.03
C ARG A 68 37.29 8.36 -7.33
N ILE A 69 36.13 8.80 -6.83
CA ILE A 69 35.19 7.90 -6.20
C ILE A 69 34.32 7.47 -7.39
N ALA A 70 34.44 6.20 -7.79
CA ALA A 70 33.68 5.67 -8.93
C ALA A 70 32.26 5.26 -8.59
N SER A 71 32.02 4.82 -7.36
CA SER A 71 30.67 4.42 -6.96
C SER A 71 30.46 4.67 -5.49
N ARG A 72 29.29 5.20 -5.14
CA ARG A 72 29.00 5.51 -3.74
C ARG A 72 27.69 4.91 -3.26
N PRO A 73 27.72 3.66 -2.77
CA PRO A 73 26.49 3.06 -2.29
C PRO A 73 26.08 3.72 -0.97
N MSE A 74 24.92 3.37 -0.44
CA MSE A 74 24.46 3.96 0.81
C MSE A 74 25.40 3.64 1.95
O MSE A 74 26.16 2.67 1.91
CB MSE A 74 23.07 3.41 1.22
CG MSE A 74 21.98 3.53 0.17
SE MSE A 74 21.99 2.08 -1.08
CE MSE A 74 21.34 0.70 0.10
N GLU A 75 25.35 4.46 3.00
CA GLU A 75 26.16 4.23 4.18
C GLU A 75 25.53 3.02 4.87
N LYS A 76 26.27 2.35 5.74
CA LYS A 76 25.72 1.22 6.45
C LYS A 76 24.62 1.76 7.38
N PHE A 77 23.47 1.09 7.41
CA PHE A 77 22.40 1.51 8.32
C PHE A 77 21.84 0.27 9.01
N PHE A 78 21.11 0.47 10.10
CA PHE A 78 20.62 -0.66 10.87
C PHE A 78 19.13 -0.74 11.16
N ASN A 79 18.72 -1.85 11.76
CA ASN A 79 17.34 -2.06 12.17
C ASN A 79 17.12 -1.16 13.39
N LEU A 80 15.87 -0.78 13.62
CA LEU A 80 15.55 0.05 14.78
C LEU A 80 15.86 -0.79 16.02
N ASN A 81 16.42 -0.16 17.04
CA ASN A 81 16.76 -0.84 18.30
C ASN A 81 17.79 -1.96 18.18
N GLU A 82 18.60 -1.92 17.13
CA GLU A 82 19.63 -2.94 16.90
C GLU A 82 20.89 -2.65 17.73
N ASN A 83 21.21 -1.38 17.87
CA ASN A 83 22.37 -0.92 18.63
C ASN A 83 22.17 0.57 18.94
N PRO A 84 23.07 1.18 19.73
CA PRO A 84 22.93 2.60 20.09
C PRO A 84 22.58 3.57 18.96
N PHE A 85 23.03 3.29 17.74
CA PHE A 85 22.73 4.16 16.59
C PHE A 85 21.23 4.31 16.39
N THR A 86 20.48 3.24 16.66
CA THR A 86 19.05 3.30 16.44
C THR A 86 18.18 3.08 17.67
N MSE A 87 18.68 3.52 18.81
CA MSE A 87 17.92 3.44 20.06
C MSE A 87 17.60 4.89 20.40
O MSE A 87 18.32 5.81 19.99
CB MSE A 87 18.77 2.76 21.14
CG MSE A 87 19.22 1.35 20.76
SE MSE A 87 20.36 0.43 22.05
CE MSE A 87 19.09 -0.90 22.66
N ASN A 88 16.52 5.09 21.15
CA ASN A 88 16.11 6.45 21.53
C ASN A 88 15.88 7.35 20.31
N ILE A 89 15.36 6.77 19.24
CA ILE A 89 15.06 7.54 18.02
C ILE A 89 13.68 8.16 18.19
N ASP A 90 13.54 9.42 17.79
CA ASP A 90 12.25 10.08 17.88
C ASP A 90 11.49 9.66 16.62
N LEU A 91 10.58 8.69 16.78
CA LEU A 91 9.83 8.18 15.64
C LEU A 91 9.00 9.23 14.89
N ASN A 92 8.68 10.34 15.55
CA ASN A 92 7.91 11.37 14.87
C ASN A 92 8.79 12.11 13.87
N ASP A 93 10.10 11.86 13.91
CA ASP A 93 11.03 12.50 12.99
C ASP A 93 11.18 11.69 11.70
N VAL A 94 10.39 10.62 11.58
CA VAL A 94 10.41 9.80 10.39
C VAL A 94 9.73 10.63 9.31
N ASP A 95 10.39 10.83 8.18
CA ASP A 95 9.84 11.61 7.09
C ASP A 95 8.82 10.75 6.33
N TYR A 96 9.30 9.63 5.80
CA TYR A 96 8.47 8.68 5.08
C TYR A 96 9.17 7.32 5.10
N ILE A 97 8.51 6.30 4.56
CA ILE A 97 9.14 4.98 4.51
C ILE A 97 9.12 4.46 3.09
N LEU A 98 9.97 3.48 2.80
CA LEU A 98 10.05 2.91 1.48
C LEU A 98 9.96 1.40 1.60
N THR A 99 9.37 0.77 0.59
CA THR A 99 9.25 -0.68 0.58
C THR A 99 10.67 -1.22 0.60
N LYS A 100 10.97 -2.12 1.53
CA LYS A 100 12.32 -2.70 1.53
C LYS A 100 12.27 -3.92 0.61
N GLU A 101 12.88 -3.77 -0.56
CA GLU A 101 12.93 -4.82 -1.56
C GLU A 101 13.93 -5.88 -1.10
N ASP A 102 13.70 -7.15 -1.46
CA ASP A 102 14.56 -8.23 -0.99
C ASP A 102 15.39 -8.92 -2.08
N GLY A 103 16.55 -8.34 -2.38
CA GLY A 103 17.44 -8.90 -3.38
C GLY A 103 18.90 -8.64 -3.07
N SER A 104 19.59 -8.01 -4.01
CA SER A 104 21.00 -7.68 -3.86
C SER A 104 21.23 -6.28 -4.38
N LEU A 105 21.95 -5.46 -3.62
CA LEU A 105 22.24 -4.10 -4.02
C LEU A 105 23.19 -4.05 -5.22
N VAL A 106 22.88 -3.18 -6.19
CA VAL A 106 23.74 -2.95 -7.33
C VAL A 106 23.87 -1.44 -7.43
N SER A 107 25.10 -0.97 -7.64
CA SER A 107 25.37 0.47 -7.74
C SER A 107 26.08 0.82 -9.03
N THR A 108 25.72 1.96 -9.61
CA THR A 108 26.34 2.38 -10.85
C THR A 108 27.74 2.98 -10.71
N TYR A 109 28.47 2.95 -11.81
CA TYR A 109 29.81 3.52 -11.89
C TYR A 109 30.08 3.68 -13.39
N LEU A 110 30.76 4.76 -13.75
CA LEU A 110 31.08 5.01 -15.15
C LEU A 110 32.44 4.39 -15.46
N ASP A 111 32.47 3.51 -16.45
CA ASP A 111 33.69 2.82 -16.86
C ASP A 111 33.98 3.23 -18.31
N GLY A 112 34.81 4.26 -18.48
CA GLY A 112 35.11 4.72 -19.82
C GLY A 112 33.87 5.42 -20.37
N ASP A 113 33.28 4.84 -21.40
CA ASP A 113 32.07 5.41 -21.98
C ASP A 113 30.86 4.54 -21.60
N GLU A 114 31.09 3.54 -20.76
CA GLU A 114 30.04 2.63 -20.34
C GLU A 114 29.53 2.87 -18.92
N ILE A 115 28.23 2.71 -18.74
CA ILE A 115 27.62 2.86 -17.43
C ILE A 115 27.36 1.43 -16.96
N LEU A 116 28.03 1.02 -15.90
CA LEU A 116 27.93 -0.34 -15.37
C LEU A 116 27.46 -0.42 -13.91
N PHE A 117 27.28 -1.64 -13.43
CA PHE A 117 26.83 -1.90 -12.06
C PHE A 117 27.87 -2.68 -11.26
N LYS A 118 27.82 -2.53 -9.94
CA LYS A 118 28.70 -3.26 -9.07
C LYS A 118 27.83 -3.73 -7.91
N SER A 119 28.09 -4.94 -7.43
CA SER A 119 27.34 -5.44 -6.29
C SER A 119 28.11 -4.96 -5.07
N LYS A 120 27.67 -5.34 -3.88
CA LYS A 120 28.33 -4.91 -2.66
C LYS A 120 29.86 -4.94 -2.75
N GLY A 121 30.41 -6.12 -3.00
CA GLY A 121 31.86 -6.24 -3.05
C GLY A 121 32.55 -6.66 -4.33
N SER A 122 31.92 -6.42 -5.48
CA SER A 122 32.54 -6.82 -6.75
C SER A 122 31.86 -6.20 -7.96
N ILE A 123 32.64 -5.97 -9.02
CA ILE A 123 32.12 -5.41 -10.26
C ILE A 123 31.84 -6.54 -11.25
N LYS A 124 32.11 -7.77 -10.84
CA LYS A 124 31.89 -8.90 -11.72
C LYS A 124 31.15 -10.06 -11.07
N SER A 125 30.42 -9.76 -10.00
CA SER A 125 29.64 -10.79 -9.32
C SER A 125 28.54 -11.18 -10.30
N GLU A 126 27.82 -12.25 -9.98
CA GLU A 126 26.74 -12.71 -10.85
C GLU A 126 25.62 -11.66 -10.95
N GLN A 127 25.30 -10.99 -9.85
CA GLN A 127 24.25 -9.97 -9.87
C GLN A 127 24.69 -8.78 -10.69
N ALA A 128 25.94 -8.37 -10.51
CA ALA A 128 26.50 -7.23 -11.24
C ALA A 128 26.41 -7.41 -12.76
N LEU A 129 26.85 -8.58 -13.24
CA LEU A 129 26.83 -8.86 -14.67
C LEU A 129 25.41 -8.97 -15.20
N MSE A 130 24.52 -9.61 -14.45
CA MSE A 130 23.14 -9.71 -14.89
C MSE A 130 22.52 -8.31 -14.92
O MSE A 130 21.72 -7.98 -15.81
CB MSE A 130 22.33 -10.60 -13.95
CG MSE A 130 22.87 -12.01 -13.83
SE MSE A 130 21.46 -13.31 -13.95
CE MSE A 130 21.01 -13.48 -12.08
N ALA A 131 22.88 -7.48 -13.94
CA ALA A 131 22.36 -6.12 -13.87
C ALA A 131 22.81 -5.36 -15.12
N ASN A 132 24.08 -5.53 -15.49
CA ASN A 132 24.60 -4.86 -16.68
C ASN A 132 23.85 -5.33 -17.93
N GLY A 133 23.49 -6.61 -17.95
CA GLY A 133 22.76 -7.15 -19.10
C GLY A 133 21.41 -6.49 -19.28
N ILE A 134 20.74 -6.20 -18.17
CA ILE A 134 19.44 -5.57 -18.22
C ILE A 134 19.54 -4.16 -18.80
N LEU A 135 20.51 -3.40 -18.33
CA LEU A 135 20.70 -2.04 -18.78
C LEU A 135 20.99 -1.95 -20.26
N MSE A 136 21.45 -3.06 -20.84
CA MSE A 136 21.77 -3.12 -22.27
C MSE A 136 20.50 -3.35 -23.10
O MSE A 136 20.45 -3.01 -24.29
CB MSE A 136 22.76 -4.25 -22.52
CG MSE A 136 23.00 -4.56 -23.99
SE MSE A 136 23.22 -6.45 -24.30
CE MSE A 136 21.35 -6.96 -24.36
N ASN A 137 19.48 -3.92 -22.47
CA ASN A 137 18.21 -4.20 -23.15
C ASN A 137 17.66 -2.91 -23.73
N ILE A 138 17.16 -2.96 -24.98
CA ILE A 138 16.59 -1.76 -25.61
C ILE A 138 15.43 -1.20 -24.80
N ASN A 139 14.73 -2.05 -24.08
CA ASN A 139 13.59 -1.58 -23.31
C ASN A 139 14.00 -0.76 -22.09
N HIS A 140 15.31 -0.61 -21.89
CA HIS A 140 15.79 0.19 -20.78
C HIS A 140 16.82 1.23 -21.26
N HIS A 141 16.80 1.56 -22.55
CA HIS A 141 17.77 2.52 -23.08
C HIS A 141 17.57 3.93 -22.53
N ARG A 142 16.34 4.31 -22.23
CA ARG A 142 16.12 5.65 -21.68
C ARG A 142 16.69 5.73 -20.27
N LEU A 143 16.52 4.67 -19.49
CA LEU A 143 17.06 4.65 -18.14
C LEU A 143 18.60 4.64 -18.23
N ARG A 144 19.14 3.83 -19.13
CA ARG A 144 20.59 3.75 -19.28
C ARG A 144 21.17 5.14 -19.50
N ASP A 145 20.55 5.89 -20.40
CA ASP A 145 21.00 7.25 -20.71
C ASP A 145 20.98 8.11 -19.46
N ARG A 146 19.89 8.02 -18.71
CA ARG A 146 19.71 8.77 -17.46
C ARG A 146 20.82 8.44 -16.47
N LEU A 147 21.10 7.15 -16.29
CA LEU A 147 22.13 6.72 -15.36
C LEU A 147 23.53 7.13 -15.82
N LYS A 148 23.79 7.04 -17.12
CA LYS A 148 25.10 7.42 -17.62
C LYS A 148 25.39 8.90 -17.35
N GLU A 149 24.41 9.75 -17.63
CA GLU A 149 24.62 11.19 -17.40
C GLU A 149 24.82 11.48 -15.91
N LEU A 150 24.04 10.80 -15.07
CA LEU A 150 24.15 11.00 -13.62
C LEU A 150 25.58 10.65 -13.18
N ALA A 151 26.08 9.52 -13.66
CA ALA A 151 27.43 9.08 -13.30
C ALA A 151 28.48 10.06 -13.80
N GLU A 152 28.31 10.59 -15.01
CA GLU A 152 29.29 11.54 -15.52
C GLU A 152 29.20 12.84 -14.71
N ASP A 153 28.11 12.99 -13.96
CA ASP A 153 27.92 14.17 -13.11
C ASP A 153 28.33 13.89 -11.67
N GLY A 154 28.86 12.70 -11.41
CA GLY A 154 29.29 12.34 -10.07
C GLY A 154 28.24 11.78 -9.13
N PHE A 155 27.24 11.12 -9.68
CA PHE A 155 26.15 10.55 -8.87
C PHE A 155 26.07 9.04 -9.06
N THR A 156 25.75 8.33 -7.98
CA THR A 156 25.61 6.88 -8.04
C THR A 156 24.16 6.48 -7.82
N ALA A 157 23.62 5.71 -8.74
CA ALA A 157 22.24 5.25 -8.60
C ALA A 157 22.28 3.88 -7.94
N ASN A 158 21.53 3.72 -6.86
CA ASN A 158 21.49 2.44 -6.15
C ASN A 158 20.18 1.72 -6.38
N PHE A 159 20.28 0.48 -6.84
CA PHE A 159 19.12 -0.36 -7.13
C PHE A 159 19.12 -1.67 -6.35
N GLU A 160 17.95 -2.27 -6.23
CA GLU A 160 17.84 -3.58 -5.60
C GLU A 160 17.67 -4.51 -6.79
N PHE A 161 18.60 -5.45 -6.96
CA PHE A 161 18.48 -6.40 -8.05
C PHE A 161 17.68 -7.59 -7.52
N VAL A 162 16.55 -7.87 -8.15
CA VAL A 162 15.72 -8.99 -7.72
C VAL A 162 15.51 -9.96 -8.89
N ALA A 163 15.32 -11.23 -8.56
CA ALA A 163 15.10 -12.25 -9.57
C ALA A 163 14.72 -13.58 -8.92
N PRO A 164 13.98 -14.43 -9.65
CA PRO A 164 13.57 -15.73 -9.11
C PRO A 164 14.77 -16.63 -8.86
N THR A 165 15.90 -16.30 -9.49
CA THR A 165 17.13 -17.06 -9.36
C THR A 165 18.08 -16.39 -8.36
N ASN A 166 17.58 -15.35 -7.69
CA ASN A 166 18.35 -14.61 -6.69
C ASN A 166 17.46 -14.45 -5.46
N ARG A 167 16.75 -15.51 -5.11
CA ARG A 167 15.85 -15.48 -3.97
C ARG A 167 16.53 -15.52 -2.61
N ILE A 168 16.12 -14.60 -1.73
CA ILE A 168 16.63 -14.53 -0.38
C ILE A 168 15.47 -15.11 0.42
N VAL A 169 14.39 -14.34 0.52
CA VAL A 169 13.19 -14.79 1.20
C VAL A 169 11.97 -14.53 0.33
N LEU A 170 11.80 -13.29 -0.13
CA LEU A 170 10.66 -12.96 -0.98
C LEU A 170 10.80 -13.56 -2.37
N ALA A 171 9.69 -14.03 -2.93
CA ALA A 171 9.69 -14.65 -4.24
C ALA A 171 9.32 -13.66 -5.34
N TYR A 172 10.33 -13.20 -6.08
CA TYR A 172 10.09 -12.28 -7.18
C TYR A 172 9.91 -13.09 -8.46
N GLN A 173 8.90 -12.73 -9.24
CA GLN A 173 8.59 -13.43 -10.48
C GLN A 173 9.55 -13.17 -11.63
N GLU A 174 9.98 -11.91 -11.78
CA GLU A 174 10.88 -11.57 -12.86
C GLU A 174 12.15 -10.89 -12.38
N MSE A 175 13.19 -10.99 -13.20
CA MSE A 175 14.46 -10.37 -12.89
C MSE A 175 14.40 -8.91 -13.28
O MSE A 175 14.08 -8.58 -14.42
CB MSE A 175 15.57 -11.05 -13.67
CG MSE A 175 16.87 -10.30 -13.60
SE MSE A 175 18.06 -10.99 -14.91
CE MSE A 175 17.33 -10.12 -16.46
N LYS A 176 14.68 -8.02 -12.34
CA LYS A 176 14.67 -6.60 -12.63
C LYS A 176 15.43 -5.82 -11.57
N ILE A 177 15.65 -4.54 -11.84
CA ILE A 177 16.35 -3.66 -10.93
C ILE A 177 15.36 -2.58 -10.46
N ILE A 178 15.30 -2.35 -9.15
CA ILE A 178 14.39 -1.36 -8.59
C ILE A 178 15.21 -0.22 -8.01
N LEU A 179 14.96 1.01 -8.49
CA LEU A 179 15.70 2.17 -8.04
C LEU A 179 15.38 2.52 -6.60
N LEU A 180 16.41 2.56 -5.75
CA LEU A 180 16.24 2.85 -4.34
C LEU A 180 16.57 4.29 -4.01
N ASN A 181 17.72 4.77 -4.51
CA ASN A 181 18.16 6.14 -4.24
C ASN A 181 19.30 6.53 -5.16
N VAL A 182 19.65 7.82 -5.13
CA VAL A 182 20.74 8.34 -5.94
C VAL A 182 21.57 9.20 -4.99
N ARG A 183 22.85 8.84 -4.86
CA ARG A 183 23.76 9.53 -3.97
C ARG A 183 24.90 10.23 -4.69
N GLU A 184 25.25 11.43 -4.23
CA GLU A 184 26.34 12.19 -4.82
C GLU A 184 27.66 11.58 -4.36
N ASN A 185 28.49 11.17 -5.32
CA ASN A 185 29.76 10.55 -5.00
C ASN A 185 30.66 11.33 -4.04
N GLU A 186 30.93 12.58 -4.37
CA GLU A 186 31.82 13.43 -3.60
C GLU A 186 31.36 13.77 -2.18
N THR A 187 30.09 14.07 -2.00
CA THR A 187 29.59 14.47 -0.69
C THR A 187 28.80 13.43 0.08
N GLY A 188 28.27 12.44 -0.62
CA GLY A 188 27.47 11.43 0.05
C GLY A 188 26.04 11.89 0.27
N GLU A 189 25.70 13.05 -0.25
CA GLU A 189 24.35 13.56 -0.11
C GLU A 189 23.43 12.88 -1.11
N TYR A 190 22.17 12.68 -0.72
CA TYR A 190 21.20 12.02 -1.58
C TYR A 190 20.31 13.02 -2.32
N ILE A 191 19.91 12.67 -3.53
CA ILE A 191 18.99 13.50 -4.31
C ILE A 191 17.66 13.14 -3.63
N SER A 192 16.80 14.13 -3.40
CA SER A 192 15.53 13.84 -2.72
C SER A 192 14.66 12.88 -3.51
N TYR A 193 13.85 12.13 -2.80
CA TYR A 193 12.96 11.18 -3.44
C TYR A 193 12.09 11.93 -4.43
N ASP A 194 11.60 13.10 -4.02
CA ASP A 194 10.74 13.94 -4.87
C ASP A 194 11.41 14.29 -6.19
N ASP A 195 12.69 14.63 -6.15
CA ASP A 195 13.40 14.97 -7.39
C ASP A 195 13.50 13.76 -8.31
N ILE A 196 13.65 12.57 -7.74
CA ILE A 196 13.73 11.37 -8.56
C ILE A 196 12.32 11.10 -9.11
N TYR A 197 11.33 11.22 -8.24
CA TYR A 197 9.94 10.99 -8.59
C TYR A 197 9.50 11.87 -9.76
N LYS A 198 10.03 13.08 -9.80
CA LYS A 198 9.70 14.04 -10.85
C LYS A 198 10.09 13.55 -12.24
N ASP A 199 11.15 12.75 -12.33
CA ASP A 199 11.60 12.25 -13.63
C ASP A 199 10.73 11.07 -14.07
N ALA A 200 9.88 11.30 -15.09
CA ALA A 200 8.97 10.28 -15.61
C ALA A 200 9.69 9.03 -16.15
N THR A 201 10.93 9.21 -16.54
CA THR A 201 11.76 8.13 -17.07
C THR A 201 12.19 7.18 -15.96
N LEU A 202 12.46 7.74 -14.78
CA LEU A 202 12.92 6.98 -13.62
C LEU A 202 11.79 6.43 -12.77
N ARG A 203 10.71 7.20 -12.67
CA ARG A 203 9.56 6.81 -11.85
C ARG A 203 9.12 5.34 -11.95
N PRO A 204 9.07 4.78 -13.16
CA PRO A 204 8.66 3.37 -13.34
C PRO A 204 9.53 2.34 -12.60
N TYR A 205 10.79 2.69 -12.34
CA TYR A 205 11.71 1.80 -11.66
C TYR A 205 11.83 2.13 -10.18
N LEU A 206 11.31 3.29 -9.81
CA LEU A 206 11.40 3.78 -8.45
C LEU A 206 10.65 2.97 -7.39
N VAL A 207 11.36 2.66 -6.31
CA VAL A 207 10.80 1.91 -5.20
C VAL A 207 9.66 2.76 -4.62
N GLU A 208 8.64 2.07 -4.15
CA GLU A 208 7.45 2.72 -3.61
C GLU A 208 7.60 3.42 -2.26
N ARG A 209 7.05 4.63 -2.18
CA ARG A 209 7.06 5.39 -0.93
C ARG A 209 5.67 5.47 -0.32
N TYR A 210 5.64 5.43 1.01
CA TYR A 210 4.40 5.53 1.79
C TYR A 210 4.62 6.74 2.70
N GLU A 211 3.72 7.71 2.62
CA GLU A 211 3.83 8.90 3.45
C GLU A 211 3.47 8.58 4.89
N ILE A 212 4.08 9.28 5.84
CA ILE A 212 3.87 9.01 7.25
C ILE A 212 3.49 10.21 8.13
N ASP A 213 2.53 9.99 9.04
CA ASP A 213 2.08 10.99 10.00
C ASP A 213 2.09 10.40 11.40
N SER A 214 2.25 9.08 11.50
CA SER A 214 2.28 8.39 12.79
C SER A 214 3.17 7.14 12.71
N PRO A 215 3.59 6.61 13.86
CA PRO A 215 4.43 5.41 13.88
C PRO A 215 3.68 4.08 13.83
N LYS A 216 2.40 4.10 13.46
CA LYS A 216 1.62 2.85 13.41
C LYS A 216 2.14 1.83 12.41
N TRP A 217 2.83 2.30 11.38
CA TRP A 217 3.37 1.41 10.37
C TRP A 217 4.36 0.40 10.95
N ILE A 218 5.02 0.79 12.04
CA ILE A 218 6.02 -0.07 12.66
C ILE A 218 5.49 -1.39 13.18
N GLU A 219 4.51 -1.36 14.09
CA GLU A 219 3.97 -2.60 14.62
C GLU A 219 3.28 -3.40 13.52
N GLU A 220 2.71 -2.70 12.55
CA GLU A 220 2.07 -3.37 11.42
C GLU A 220 3.11 -4.09 10.57
N ALA A 221 4.29 -3.49 10.44
CA ALA A 221 5.37 -4.08 9.66
C ALA A 221 5.86 -5.34 10.37
N LYS A 222 6.09 -5.22 11.66
CA LYS A 222 6.56 -6.33 12.47
C LYS A 222 5.64 -7.54 12.43
N ASN A 223 4.33 -7.30 12.35
CA ASN A 223 3.35 -8.38 12.32
C ASN A 223 2.90 -8.80 10.92
N ALA A 224 3.44 -8.17 9.89
CA ALA A 224 3.06 -8.52 8.52
C ALA A 224 3.70 -9.79 8.00
N GLU A 225 3.15 -10.30 6.91
CA GLU A 225 3.66 -11.50 6.27
C GLU A 225 3.83 -11.24 4.78
N ASN A 226 4.73 -12.00 4.16
CA ASN A 226 5.01 -11.87 2.73
C ASN A 226 5.64 -10.56 2.30
N ILE A 227 6.35 -9.91 3.22
CA ILE A 227 7.06 -8.66 2.93
C ILE A 227 8.27 -8.68 3.86
N GLU A 228 9.37 -8.04 3.44
CA GLU A 228 10.53 -7.99 4.32
C GLU A 228 10.27 -6.88 5.32
N GLY A 229 9.81 -5.73 4.81
CA GLY A 229 9.55 -4.61 5.67
C GLY A 229 9.73 -3.28 4.96
N TYR A 230 10.32 -2.31 5.66
CA TYR A 230 10.49 -0.99 5.09
C TYR A 230 11.76 -0.30 5.57
N VAL A 231 12.19 0.69 4.80
CA VAL A 231 13.35 1.49 5.13
C VAL A 231 12.80 2.89 5.41
N ALA A 232 13.05 3.38 6.62
CA ALA A 232 12.56 4.70 6.99
C ALA A 232 13.62 5.74 6.66
N VAL A 233 13.19 6.88 6.14
CA VAL A 233 14.11 7.96 5.84
C VAL A 233 13.71 9.08 6.81
N MSE A 234 14.68 9.52 7.60
CA MSE A 234 14.46 10.56 8.61
C MSE A 234 14.49 11.96 8.00
O MSE A 234 14.89 12.14 6.85
CB MSE A 234 15.54 10.45 9.69
CG MSE A 234 15.65 9.08 10.34
SE MSE A 234 14.07 8.56 11.34
CE MSE A 234 14.27 9.76 12.85
N LYS A 235 14.08 12.95 8.78
CA LYS A 235 14.08 14.33 8.34
C LYS A 235 15.48 14.76 7.94
N ASP A 236 16.48 14.20 8.62
CA ASP A 236 17.88 14.54 8.34
C ASP A 236 18.51 13.70 7.24
N GLY A 237 17.71 12.82 6.63
CA GLY A 237 18.22 11.98 5.55
C GLY A 237 18.77 10.64 5.97
N SER A 238 18.89 10.40 7.28
CA SER A 238 19.43 9.12 7.76
C SER A 238 18.39 8.01 7.61
N HIS A 239 18.85 6.77 7.72
CA HIS A 239 17.97 5.60 7.57
C HIS A 239 17.99 4.64 8.74
N PHE A 240 16.96 3.80 8.79
CA PHE A 240 16.83 2.74 9.78
C PHE A 240 15.82 1.78 9.15
N LYS A 241 15.78 0.53 9.58
CA LYS A 241 14.83 -0.37 8.97
C LYS A 241 13.99 -1.16 9.94
N ILE A 242 12.84 -1.62 9.44
CA ILE A 242 11.93 -2.45 10.22
C ILE A 242 11.65 -3.65 9.35
N LYS A 243 11.97 -4.84 9.86
CA LYS A 243 11.73 -6.07 9.14
C LYS A 243 10.67 -6.85 9.90
N SER A 244 9.79 -7.54 9.17
CA SER A 244 8.73 -8.32 9.82
C SER A 244 9.33 -9.52 10.54
N ASP A 245 8.67 -9.96 11.61
CA ASP A 245 9.12 -11.12 12.37
C ASP A 245 9.08 -12.30 11.41
N TRP A 246 8.09 -12.28 10.54
CA TRP A 246 7.88 -13.32 9.54
C TRP A 246 9.12 -13.46 8.67
N TYR A 247 9.63 -12.34 8.16
CA TYR A 247 10.83 -12.37 7.31
C TYR A 247 12.06 -12.83 8.08
N VAL A 248 12.28 -12.25 9.26
CA VAL A 248 13.43 -12.60 10.08
C VAL A 248 13.40 -14.07 10.52
N SER A 249 12.21 -14.59 10.80
CA SER A 249 12.07 -15.99 11.20
C SER A 249 12.46 -16.95 10.08
N LEU A 250 12.32 -16.49 8.84
CA LEU A 250 12.70 -17.31 7.68
C LEU A 250 14.16 -17.06 7.28
N HIS A 251 14.60 -15.82 7.44
CA HIS A 251 15.97 -15.45 7.09
C HIS A 251 16.97 -15.95 8.13
N SER A 252 16.55 -15.97 9.39
CA SER A 252 17.41 -16.46 10.47
C SER A 252 17.71 -17.94 10.23
N THR A 253 16.66 -18.64 9.81
CA THR A 253 16.66 -20.07 9.46
C THR A 253 15.78 -20.94 10.35
N LYS A 254 16.14 -21.07 11.63
CA LYS A 254 15.36 -21.92 12.54
C LYS A 254 15.13 -21.34 13.93
N SER A 255 15.49 -22.12 14.94
CA SER A 255 15.34 -21.75 16.34
C SER A 255 16.68 -21.28 16.93
N SER A 256 17.12 -20.11 16.52
CA SER A 256 18.39 -19.55 16.98
C SER A 256 18.48 -19.37 18.49
N LEU A 257 17.46 -18.77 19.09
CA LEU A 257 17.47 -18.52 20.53
C LEU A 257 17.37 -19.76 21.42
N ASP A 258 17.17 -20.92 20.82
CA ASP A 258 17.05 -22.14 21.61
C ASP A 258 18.13 -23.17 21.31
N ASN A 259 18.98 -22.86 20.34
CA ASN A 259 20.07 -23.76 19.97
C ASN A 259 21.33 -22.96 19.64
N PRO A 260 22.37 -23.05 20.48
CA PRO A 260 23.61 -22.31 20.26
C PRO A 260 24.26 -22.52 18.90
N GLU A 261 24.13 -23.72 18.33
CA GLU A 261 24.71 -23.97 17.03
C GLU A 261 24.00 -23.12 15.97
N LYS A 262 22.67 -23.04 16.08
CA LYS A 262 21.88 -22.26 15.14
C LYS A 262 22.08 -20.76 15.35
N LEU A 263 22.25 -20.34 16.59
CA LEU A 263 22.47 -18.93 16.90
C LEU A 263 23.81 -18.53 16.27
N PHE A 264 24.83 -19.35 16.48
CA PHE A 264 26.15 -19.08 15.91
C PHE A 264 26.10 -19.07 14.40
N LYS A 265 25.27 -19.94 13.81
CA LYS A 265 25.14 -19.99 12.36
C LYS A 265 24.53 -18.67 11.86
N THR A 266 23.52 -18.17 12.56
CA THR A 266 22.86 -16.91 12.21
C THR A 266 23.87 -15.77 12.23
N ILE A 267 24.71 -15.77 13.25
CA ILE A 267 25.74 -14.75 13.40
C ILE A 267 26.73 -14.86 12.24
N ILE A 268 27.12 -16.08 11.90
CA ILE A 268 28.07 -16.28 10.81
C ILE A 268 27.44 -15.86 9.48
N ASP A 269 26.15 -16.10 9.32
CA ASP A 269 25.47 -15.71 8.08
C ASP A 269 25.25 -14.19 8.02
N GLY A 270 25.56 -13.50 9.11
CA GLY A 270 25.40 -12.05 9.15
C GLY A 270 23.96 -11.59 9.32
N ALA A 271 23.15 -12.45 9.93
CA ALA A 271 21.74 -12.18 10.14
C ALA A 271 21.36 -11.95 11.62
N SER A 272 22.34 -12.02 12.51
CA SER A 272 22.04 -11.83 13.93
C SER A 272 21.60 -10.39 14.26
N ASP A 273 21.94 -9.44 13.39
CA ASP A 273 21.52 -8.05 13.61
C ASP A 273 19.99 -7.95 13.53
N ASP A 274 19.40 -8.64 12.55
CA ASP A 274 17.96 -8.67 12.37
C ASP A 274 17.30 -9.38 13.55
N LEU A 275 17.90 -10.49 13.95
CA LEU A 275 17.40 -11.29 15.07
C LEU A 275 17.42 -10.50 16.36
N LYS A 276 18.53 -9.78 16.56
CA LYS A 276 18.72 -8.96 17.74
C LYS A 276 17.60 -7.90 17.82
N ALA A 277 17.38 -7.19 16.71
CA ALA A 277 16.34 -6.18 16.65
C ALA A 277 14.97 -6.80 16.91
N MSE A 278 14.75 -7.99 16.34
CA MSE A 278 13.47 -8.69 16.50
C MSE A 278 13.17 -8.94 17.98
O MSE A 278 12.01 -8.91 18.40
CB MSE A 278 13.49 -10.03 15.76
CG MSE A 278 12.17 -10.83 15.83
SE MSE A 278 12.09 -12.50 14.80
CE MSE A 278 11.29 -13.66 16.13
N TYR A 279 14.21 -9.17 18.78
CA TYR A 279 14.05 -9.45 20.19
C TYR A 279 14.46 -8.27 21.08
N ALA A 280 14.38 -7.06 20.53
CA ALA A 280 14.77 -5.85 21.25
C ALA A 280 13.95 -5.63 22.52
N ASP A 281 12.72 -6.13 22.54
CA ASP A 281 11.84 -5.99 23.69
C ASP A 281 12.10 -7.09 24.73
N ASP A 282 12.87 -8.09 24.33
CA ASP A 282 13.21 -9.22 25.20
C ASP A 282 14.69 -9.04 25.59
N GLU A 283 14.91 -8.23 26.63
CA GLU A 283 16.26 -7.93 27.12
C GLU A 283 17.17 -9.13 27.26
N TYR A 284 16.67 -10.19 27.85
CA TYR A 284 17.49 -11.38 28.04
C TYR A 284 17.99 -11.92 26.71
N SER A 285 17.08 -12.11 25.77
CA SER A 285 17.45 -12.65 24.46
C SER A 285 18.37 -11.70 23.70
N TYR A 286 18.01 -10.42 23.69
CA TYR A 286 18.78 -9.40 23.01
C TYR A 286 20.25 -9.43 23.45
N ARG A 287 20.47 -9.44 24.76
CA ARG A 287 21.82 -9.46 25.30
C ARG A 287 22.51 -10.80 25.13
N LYS A 288 21.73 -11.88 25.14
CA LYS A 288 22.28 -13.21 24.95
C LYS A 288 22.90 -13.28 23.55
N ILE A 289 22.15 -12.79 22.58
CA ILE A 289 22.59 -12.76 21.19
C ILE A 289 23.88 -11.95 21.05
N GLU A 290 23.96 -10.83 21.77
CA GLU A 290 25.15 -9.98 21.71
C GLU A 290 26.37 -10.73 22.25
N ALA A 291 26.15 -11.45 23.34
CA ALA A 291 27.23 -12.22 23.96
C ALA A 291 27.81 -13.22 22.95
N PHE A 292 26.95 -13.91 22.23
CA PHE A 292 27.41 -14.86 21.22
C PHE A 292 28.14 -14.15 20.08
N GLU A 293 27.64 -12.96 19.73
CA GLU A 293 28.27 -12.16 18.68
C GLU A 293 29.70 -11.82 19.12
N THR A 294 29.82 -11.25 20.31
CA THR A 294 31.11 -10.86 20.86
C THR A 294 32.06 -12.06 20.92
N THR A 295 31.54 -13.20 21.37
CA THR A 295 32.34 -14.40 21.46
C THR A 295 32.83 -14.82 20.07
N TYR A 296 31.97 -14.70 19.07
CA TYR A 296 32.36 -15.08 17.71
C TYR A 296 33.39 -14.13 17.09
N LEU A 297 33.21 -12.82 17.28
CA LEU A 297 34.16 -11.85 16.72
C LEU A 297 35.54 -12.04 17.37
N LYS A 298 35.54 -12.27 18.67
CA LYS A 298 36.78 -12.45 19.41
C LYS A 298 37.51 -13.69 18.91
N TYR A 299 36.75 -14.78 18.76
CA TYR A 299 37.33 -16.04 18.27
C TYR A 299 37.92 -15.88 16.87
N LEU A 300 37.15 -15.28 15.97
CA LEU A 300 37.57 -15.08 14.58
C LEU A 300 38.85 -14.26 14.45
N ASP A 301 38.98 -13.20 15.26
CA ASP A 301 40.18 -12.37 15.21
C ASP A 301 41.40 -13.20 15.59
N ARG A 302 41.26 -13.90 16.70
CA ARG A 302 42.30 -14.74 17.26
C ARG A 302 42.66 -15.88 16.30
N ALA A 303 41.66 -16.64 15.88
CA ALA A 303 41.86 -17.77 14.97
C ALA A 303 42.50 -17.34 13.65
N LEU A 304 41.96 -16.31 13.03
CA LEU A 304 42.46 -15.80 11.76
C LEU A 304 43.92 -15.39 11.84
N PHE A 305 44.27 -14.67 12.90
CA PHE A 305 45.63 -14.20 13.11
C PHE A 305 46.58 -15.39 13.29
N LEU A 306 46.19 -16.28 14.19
CA LEU A 306 46.95 -17.48 14.53
C LEU A 306 47.28 -18.33 13.30
N VAL A 307 46.27 -18.61 12.48
CA VAL A 307 46.47 -19.42 11.30
C VAL A 307 47.33 -18.72 10.24
N LEU A 308 47.02 -17.46 9.97
CA LEU A 308 47.75 -16.68 8.97
C LEU A 308 49.18 -16.40 9.40
N ASP A 309 49.36 -16.04 10.66
CA ASP A 309 50.67 -15.75 11.21
C ASP A 309 51.57 -16.98 11.11
N CYS A 310 51.06 -18.11 11.58
CA CYS A 310 51.83 -19.35 11.56
C CYS A 310 52.21 -19.74 10.14
N HIS A 311 51.26 -19.63 9.20
CA HIS A 311 51.55 -19.99 7.81
C HIS A 311 52.62 -19.10 7.21
N ASN A 312 52.43 -17.79 7.37
CA ASN A 312 53.36 -16.80 6.82
C ASN A 312 54.78 -17.00 7.33
N LYS A 313 54.92 -17.13 8.63
CA LYS A 313 56.21 -17.30 9.27
C LYS A 313 56.90 -18.65 9.12
N HIS A 314 56.17 -19.67 8.68
CA HIS A 314 56.77 -21.00 8.55
C HIS A 314 56.45 -21.70 7.23
N CYS A 315 55.83 -20.99 6.30
CA CYS A 315 55.46 -21.58 5.01
C CYS A 315 56.67 -22.13 4.23
N GLY A 316 57.78 -21.42 4.31
CA GLY A 316 58.99 -21.84 3.60
C GLY A 316 59.64 -23.14 4.05
N LYS A 317 59.60 -23.39 5.36
CA LYS A 317 60.21 -24.59 5.93
C LYS A 317 59.55 -25.87 5.39
N ASP A 318 60.18 -27.02 5.64
CA ASP A 318 59.64 -28.29 5.18
C ASP A 318 58.36 -28.66 5.92
N ARG A 319 57.73 -29.74 5.48
CA ARG A 319 56.47 -30.15 6.09
C ARG A 319 56.54 -30.54 7.56
N LYS A 320 57.53 -31.34 7.95
CA LYS A 320 57.64 -31.74 9.35
C LYS A 320 57.86 -30.54 10.28
N THR A 321 58.81 -29.69 9.94
CA THR A 321 59.10 -28.51 10.75
C THR A 321 57.86 -27.63 10.84
N TYR A 322 57.20 -27.46 9.71
CA TYR A 322 55.99 -26.64 9.64
C TYR A 322 54.94 -27.24 10.57
N ALA A 323 54.72 -28.55 10.45
CA ALA A 323 53.75 -29.25 11.27
C ALA A 323 54.03 -29.04 12.76
N MSE A 324 55.30 -29.05 13.12
CA MSE A 324 55.67 -28.86 14.51
C MSE A 324 55.34 -27.44 14.96
O MSE A 324 54.86 -27.24 16.08
CB MSE A 324 57.17 -29.19 14.69
CG MSE A 324 57.46 -30.68 14.54
SE MSE A 324 59.31 -31.25 14.68
CE MSE A 324 59.68 -31.44 12.83
N GLU A 325 55.57 -26.46 14.09
CA GLU A 325 55.26 -25.07 14.39
C GLU A 325 53.73 -24.91 14.48
N ALA A 326 53.03 -25.64 13.62
CA ALA A 326 51.57 -25.61 13.59
C ALA A 326 51.03 -26.18 14.89
N GLN A 327 51.61 -27.30 15.32
CA GLN A 327 51.20 -27.94 16.57
C GLN A 327 51.45 -26.98 17.72
N GLY A 328 52.64 -26.36 17.71
CA GLY A 328 53.02 -25.43 18.75
C GLY A 328 52.06 -24.26 18.90
N VAL A 329 51.76 -23.59 17.78
CA VAL A 329 50.86 -22.45 17.79
C VAL A 329 49.44 -22.87 18.18
N ALA A 330 48.98 -24.00 17.65
CA ALA A 330 47.63 -24.49 17.93
C ALA A 330 47.50 -24.88 19.41
N LYS A 331 48.38 -25.76 19.85
CA LYS A 331 48.37 -26.24 21.24
C LYS A 331 48.58 -25.09 22.23
N GLY A 332 49.56 -24.23 21.92
CA GLY A 332 49.84 -23.11 22.81
C GLY A 332 48.83 -21.98 22.77
N ALA A 333 47.54 -22.31 22.60
CA ALA A 333 46.50 -21.29 22.55
C ALA A 333 45.11 -21.86 22.80
N GLY A 334 45.04 -23.13 23.20
CA GLY A 334 43.75 -23.74 23.43
C GLY A 334 42.98 -23.76 22.13
N MSE A 335 43.73 -23.78 21.04
CA MSE A 335 43.18 -23.78 19.68
C MSE A 335 43.66 -25.01 18.94
O MSE A 335 44.06 -24.93 17.78
CB MSE A 335 43.63 -22.54 18.93
CG MSE A 335 42.52 -21.85 18.18
SE MSE A 335 41.46 -20.77 19.34
CE MSE A 335 42.40 -19.12 19.03
N ASP A 336 43.63 -26.16 19.61
CA ASP A 336 44.09 -27.40 19.00
C ASP A 336 43.31 -27.78 17.74
N HIS A 337 42.04 -27.39 17.69
CA HIS A 337 41.18 -27.71 16.55
C HIS A 337 41.58 -26.96 15.29
N LEU A 338 42.54 -26.03 15.40
CA LEU A 338 42.98 -25.27 14.24
C LEU A 338 44.18 -25.90 13.54
N PHE A 339 44.72 -26.99 14.09
CA PHE A 339 45.86 -27.63 13.46
C PHE A 339 45.57 -28.02 12.02
N GLY A 340 44.39 -28.58 11.77
CA GLY A 340 44.04 -28.99 10.43
C GLY A 340 44.02 -27.85 9.43
N ILE A 341 43.43 -26.72 9.83
CA ILE A 341 43.37 -25.55 8.96
C ILE A 341 44.78 -25.03 8.67
N ILE A 342 45.64 -25.04 9.68
CA ILE A 342 47.00 -24.58 9.49
C ILE A 342 47.73 -25.52 8.53
N MSE A 343 47.55 -26.83 8.71
CA MSE A 343 48.20 -27.78 7.81
C MSE A 343 47.74 -27.58 6.37
O MSE A 343 48.51 -27.79 5.44
CB MSE A 343 47.95 -29.22 8.25
CG MSE A 343 48.86 -29.64 9.37
SE MSE A 343 50.63 -28.86 9.18
CE MSE A 343 51.30 -29.93 7.73
N SER A 344 46.51 -27.09 6.19
CA SER A 344 46.00 -26.86 4.84
C SER A 344 46.53 -25.57 4.20
N LEU A 345 46.96 -24.61 5.01
CA LEU A 345 47.50 -23.35 4.49
C LEU A 345 48.87 -23.52 3.87
N TYR A 346 49.52 -24.64 4.16
CA TYR A 346 50.86 -24.89 3.61
C TYR A 346 50.83 -24.84 2.10
N GLN A 347 49.80 -25.43 1.50
CA GLN A 347 49.68 -25.43 0.06
C GLN A 347 48.72 -24.31 -0.33
N GLY A 348 48.65 -23.32 0.56
CA GLY A 348 47.82 -22.14 0.35
C GLY A 348 46.34 -22.32 0.13
N TYR A 349 45.61 -21.21 0.27
CA TYR A 349 44.18 -21.17 0.07
C TYR A 349 43.89 -20.13 -1.02
N ASP A 350 42.86 -20.39 -1.81
CA ASP A 350 42.50 -19.49 -2.91
C ASP A 350 42.38 -18.02 -2.51
N SER A 351 42.36 -17.73 -1.21
CA SER A 351 42.26 -16.36 -0.73
C SER A 351 42.15 -16.30 0.80
N GLN A 352 42.49 -15.14 1.38
CA GLN A 352 42.37 -14.99 2.83
C GLN A 352 40.89 -15.07 3.13
N GLU A 353 40.13 -15.33 2.08
CA GLU A 353 38.68 -15.46 2.20
C GLU A 353 38.35 -16.93 2.39
N LYS A 354 38.98 -17.78 1.59
CA LYS A 354 38.76 -19.22 1.67
C LYS A 354 39.10 -19.67 3.08
N VAL A 355 40.26 -19.24 3.57
CA VAL A 355 40.75 -19.55 4.91
C VAL A 355 39.71 -19.21 5.95
N MSE A 356 39.05 -18.06 5.75
CA MSE A 356 38.05 -17.59 6.69
C MSE A 356 36.79 -18.44 6.67
O MSE A 356 36.13 -18.61 7.70
CB MSE A 356 37.68 -16.12 6.41
CG MSE A 356 37.00 -15.42 7.60
SE MSE A 356 36.86 -13.47 7.47
CE MSE A 356 38.53 -13.10 6.59
N CYS A 357 36.44 -18.97 5.50
CA CYS A 357 35.26 -19.82 5.41
C CYS A 357 35.49 -21.17 6.09
N GLU A 358 36.71 -21.71 5.97
CA GLU A 358 37.04 -22.98 6.60
C GLU A 358 37.00 -22.79 8.11
N ILE A 359 37.50 -21.65 8.56
CA ILE A 359 37.50 -21.35 9.99
C ILE A 359 36.08 -21.26 10.52
N GLU A 360 35.20 -20.65 9.72
CA GLU A 360 33.80 -20.51 10.13
C GLU A 360 33.13 -21.88 10.23
N GLN A 361 33.31 -22.69 9.20
CA GLN A 361 32.71 -24.03 9.18
C GLN A 361 33.29 -24.88 10.29
N ASN A 362 34.61 -24.78 10.47
CA ASN A 362 35.31 -25.53 11.51
C ASN A 362 34.81 -25.08 12.88
N PHE A 363 34.47 -23.80 13.02
CA PHE A 363 33.99 -23.31 14.30
C PHE A 363 32.65 -23.92 14.66
N LEU A 364 31.78 -24.10 13.67
CA LEU A 364 30.47 -24.68 13.91
C LEU A 364 30.52 -26.12 14.39
N LYS A 365 31.63 -26.81 14.13
CA LYS A 365 31.79 -28.19 14.57
C LYS A 365 32.29 -28.20 16.01
N ASN A 366 33.13 -27.22 16.35
CA ASN A 366 33.69 -27.09 17.70
C ASN A 366 33.07 -25.91 18.43
N TYR A 367 31.78 -25.68 18.24
CA TYR A 367 31.12 -24.53 18.87
C TYR A 367 30.92 -24.72 20.37
N LYS A 368 30.57 -25.94 20.77
CA LYS A 368 30.32 -26.29 22.16
C LYS A 368 31.26 -25.62 23.17
N LYS A 369 32.55 -25.71 22.90
CA LYS A 369 33.54 -25.15 23.82
C LYS A 369 33.64 -23.63 23.84
N PHE A 370 32.92 -22.95 22.95
CA PHE A 370 33.00 -21.50 22.95
C PHE A 370 31.74 -20.76 23.41
N ILE A 371 30.69 -21.51 23.73
CA ILE A 371 29.46 -20.91 24.22
C ILE A 371 29.84 -19.99 25.37
N PRO A 372 29.48 -18.69 25.30
CA PRO A 372 29.82 -17.75 26.37
C PRO A 372 29.40 -18.20 27.77
N GLU A 373 30.28 -18.00 28.74
CA GLU A 373 30.01 -18.38 30.13
C GLU A 373 28.70 -17.80 30.63
N GLY A 374 27.87 -18.65 31.24
CA GLY A 374 26.61 -18.17 31.76
C GLY A 374 25.43 -18.64 30.93
N TYR A 375 25.69 -19.10 29.71
CA TYR A 375 24.62 -19.60 28.83
C TYR A 375 24.86 -21.06 28.48
N SER B 1 -32.72 19.22 15.63
CA SER B 1 -33.20 18.03 16.40
C SER B 1 -33.56 16.89 15.43
N MSE B 2 -33.84 15.72 16.00
CA MSE B 2 -34.17 14.57 15.19
C MSE B 2 -35.52 14.76 14.46
O MSE B 2 -35.70 14.26 13.36
CB MSE B 2 -34.20 13.32 16.09
CG MSE B 2 -35.54 13.04 16.68
SE MSE B 2 -36.33 11.67 15.62
CE MSE B 2 -36.03 10.29 16.85
N GLN B 3 -36.43 15.50 15.09
CA GLN B 3 -37.74 15.76 14.50
C GLN B 3 -37.58 16.74 13.33
N GLU B 4 -36.67 17.70 13.50
CA GLU B 4 -36.42 18.68 12.46
C GLU B 4 -35.76 18.02 11.24
N LEU B 5 -34.83 17.09 11.49
CA LEU B 5 -34.17 16.40 10.39
C LEU B 5 -35.23 15.61 9.62
N PHE B 6 -36.09 14.93 10.37
CA PHE B 6 -37.16 14.14 9.78
C PHE B 6 -38.10 15.00 8.92
N ASN B 7 -38.48 16.17 9.44
CA ASN B 7 -39.37 17.05 8.70
C ASN B 7 -38.74 17.51 7.40
N ASN B 8 -37.46 17.88 7.45
CA ASN B 8 -36.77 18.33 6.24
C ASN B 8 -36.68 17.22 5.21
N LEU B 9 -36.49 15.99 5.67
CA LEU B 9 -36.40 14.85 4.76
C LEU B 9 -37.75 14.59 4.10
N MSE B 10 -38.83 14.66 4.88
CA MSE B 10 -40.16 14.46 4.34
C MSE B 10 -40.46 15.53 3.30
O MSE B 10 -41.12 15.28 2.30
CB MSE B 10 -41.22 14.53 5.46
CG MSE B 10 -41.24 13.31 6.38
SE MSE B 10 -41.71 11.73 5.40
CE MSE B 10 -43.63 12.00 5.30
N GLU B 11 -39.94 16.73 3.56
CA GLU B 11 -40.14 17.86 2.66
C GLU B 11 -39.50 17.61 1.29
N LEU B 12 -38.38 16.89 1.27
CA LEU B 12 -37.68 16.58 0.02
C LEU B 12 -38.42 15.55 -0.82
N CYS B 13 -39.20 14.70 -0.16
CA CYS B 13 -39.92 13.65 -0.87
C CYS B 13 -41.22 14.10 -1.52
N LYS B 14 -41.57 15.37 -1.32
CA LYS B 14 -42.80 15.89 -1.91
C LYS B 14 -42.73 16.02 -3.43
N ASP B 15 -41.57 16.41 -3.95
CA ASP B 15 -41.38 16.59 -5.39
C ASP B 15 -41.75 15.38 -6.25
N SER B 16 -40.86 14.39 -6.33
CA SER B 16 -41.11 13.21 -7.15
C SER B 16 -40.17 12.05 -6.83
N GLN B 17 -40.66 10.83 -7.06
CA GLN B 17 -39.90 9.62 -6.82
C GLN B 17 -38.61 9.61 -7.63
N ARG B 18 -38.52 10.51 -8.60
CA ARG B 18 -37.33 10.61 -9.44
C ARG B 18 -36.15 11.12 -8.60
N LYS B 19 -36.47 12.00 -7.65
CA LYS B 19 -35.47 12.61 -6.79
C LYS B 19 -35.38 11.91 -5.44
N PHE B 20 -35.86 12.57 -4.39
CA PHE B 20 -35.84 12.01 -3.04
C PHE B 20 -37.15 11.30 -2.73
N PHE B 21 -37.05 10.16 -2.07
CA PHE B 21 -38.22 9.39 -1.74
C PHE B 21 -37.98 8.57 -0.49
N TYR B 22 -39.04 8.00 0.06
CA TYR B 22 -38.91 7.16 1.24
C TYR B 22 -39.73 5.90 1.03
N SER B 23 -39.42 4.89 1.83
CA SER B 23 -40.14 3.63 1.74
C SER B 23 -40.23 3.02 3.13
N ASP B 24 -41.38 2.42 3.42
CA ASP B 24 -41.62 1.80 4.71
C ASP B 24 -41.34 0.30 4.63
N ASP B 25 -40.69 -0.21 5.67
CA ASP B 25 -40.33 -1.63 5.76
C ASP B 25 -40.71 -2.15 7.15
N VAL B 26 -40.94 -3.45 7.24
CA VAL B 26 -41.27 -4.06 8.51
C VAL B 26 -40.28 -5.19 8.72
N SER B 27 -39.61 -5.20 9.88
CA SER B 27 -38.62 -6.23 10.16
C SER B 27 -39.26 -7.51 10.70
N ALA B 28 -38.49 -8.60 10.70
CA ALA B 28 -38.98 -9.88 11.17
C ALA B 28 -39.57 -9.81 12.57
N SER B 29 -39.11 -8.84 13.37
CA SER B 29 -39.61 -8.69 14.73
C SER B 29 -40.88 -7.85 14.71
N GLY B 30 -41.23 -7.34 13.53
CA GLY B 30 -42.43 -6.54 13.40
C GLY B 30 -42.29 -5.04 13.58
N ARG B 31 -41.07 -4.56 13.80
CA ARG B 31 -40.89 -3.12 13.98
C ARG B 31 -40.97 -2.40 12.64
N THR B 32 -41.57 -1.21 12.64
CA THR B 32 -41.76 -0.41 11.45
C THR B 32 -40.69 0.66 11.21
N TYR B 33 -40.03 0.58 10.07
CA TYR B 33 -38.97 1.53 9.75
C TYR B 33 -39.26 2.27 8.45
N ARG B 34 -38.75 3.49 8.38
CA ARG B 34 -38.89 4.33 7.20
C ARG B 34 -37.50 4.74 6.73
N ILE B 35 -37.17 4.39 5.50
CA ILE B 35 -35.87 4.71 4.91
C ILE B 35 -36.00 5.84 3.91
N PHE B 36 -35.08 6.80 4.00
CA PHE B 36 -35.07 7.92 3.06
C PHE B 36 -33.93 7.69 2.06
N SER B 37 -34.25 7.72 0.78
CA SER B 37 -33.24 7.50 -0.25
C SER B 37 -33.45 8.44 -1.43
N TYR B 38 -32.79 8.17 -2.55
CA TYR B 38 -32.92 8.99 -3.74
C TYR B 38 -32.56 8.18 -4.97
N ASN B 39 -32.97 8.67 -6.14
CA ASN B 39 -32.67 7.98 -7.39
C ASN B 39 -31.74 8.87 -8.23
N TYR B 40 -32.22 10.04 -8.61
CA TYR B 40 -31.44 10.98 -9.40
C TYR B 40 -31.55 12.36 -8.76
N ALA B 41 -30.41 13.02 -8.61
CA ALA B 41 -30.39 14.35 -8.01
C ALA B 41 -29.31 15.20 -8.65
N SER B 42 -29.64 16.45 -8.94
CA SER B 42 -28.67 17.37 -9.53
C SER B 42 -28.00 18.11 -8.39
N TYR B 43 -27.00 18.91 -8.72
CA TYR B 43 -26.29 19.70 -7.71
C TYR B 43 -27.29 20.57 -6.96
N SER B 44 -28.22 21.18 -7.70
CA SER B 44 -29.22 22.05 -7.09
C SER B 44 -30.08 21.28 -6.09
N ASP B 45 -30.39 20.01 -6.39
CA ASP B 45 -31.19 19.21 -5.48
C ASP B 45 -30.40 18.93 -4.20
N TRP B 46 -29.12 18.58 -4.36
CA TRP B 46 -28.25 18.30 -3.21
C TRP B 46 -28.09 19.51 -2.30
N LEU B 47 -28.48 20.68 -2.79
CA LEU B 47 -28.39 21.92 -2.01
C LEU B 47 -29.56 22.11 -1.06
N LEU B 48 -30.65 21.40 -1.31
CA LEU B 48 -31.84 21.52 -0.47
C LEU B 48 -31.56 21.06 0.96
N PRO B 49 -32.32 21.60 1.93
CA PRO B 49 -32.17 21.28 3.35
C PRO B 49 -32.00 19.79 3.67
N ASP B 50 -30.86 19.46 4.26
CA ASP B 50 -30.52 18.08 4.64
C ASP B 50 -30.60 17.07 3.50
N ALA B 51 -30.53 17.54 2.26
CA ALA B 51 -30.60 16.62 1.12
C ALA B 51 -29.44 15.62 1.17
N LEU B 52 -28.27 16.09 1.59
CA LEU B 52 -27.06 15.26 1.68
C LEU B 52 -27.21 14.10 2.66
N GLU B 53 -28.22 14.15 3.50
CA GLU B 53 -28.44 13.10 4.49
C GLU B 53 -29.56 12.18 4.02
N CYS B 54 -30.03 12.38 2.80
CA CYS B 54 -31.12 11.56 2.26
C CYS B 54 -30.67 10.38 1.41
N ARG B 55 -29.64 9.65 1.87
CA ARG B 55 -29.16 8.49 1.14
C ARG B 55 -29.02 7.30 2.09
N GLY B 56 -30.15 6.82 2.61
CA GLY B 56 -30.11 5.66 3.48
C GLY B 56 -30.42 5.84 4.96
N ILE B 57 -30.60 7.07 5.42
CA ILE B 57 -30.91 7.28 6.82
C ILE B 57 -32.24 6.59 7.12
N MSE B 58 -32.32 5.91 8.26
CA MSE B 58 -33.53 5.18 8.63
C MSE B 58 -34.03 5.53 10.03
O MSE B 58 -33.24 5.63 10.96
CB MSE B 58 -33.27 3.68 8.55
CG MSE B 58 -34.45 2.80 8.89
SE MSE B 58 -34.18 0.95 8.34
CE MSE B 58 -33.36 0.32 9.96
N PHE B 59 -35.34 5.71 10.14
CA PHE B 59 -35.99 6.04 11.42
C PHE B 59 -36.96 4.92 11.80
N GLU B 60 -37.03 4.57 13.08
CA GLU B 60 -38.02 3.59 13.47
C GLU B 60 -39.27 4.45 13.55
N MSE B 61 -40.37 3.99 12.97
CA MSE B 61 -41.59 4.79 12.96
C MSE B 61 -42.73 4.26 13.83
O MSE B 61 -42.81 3.07 14.14
CB MSE B 61 -42.11 4.94 11.55
CG MSE B 61 -41.11 5.54 10.58
SE MSE B 61 -40.76 7.38 10.96
CE MSE B 61 -42.41 8.14 10.29
N ASP B 62 -43.59 5.18 14.22
CA ASP B 62 -44.80 4.87 14.99
C ASP B 62 -45.86 5.63 14.21
N GLY B 63 -46.33 5.02 13.12
CA GLY B 63 -47.30 5.68 12.28
C GLY B 63 -46.54 6.65 11.41
N GLU B 64 -46.82 7.94 11.59
CA GLU B 64 -46.16 8.99 10.83
C GLU B 64 -45.19 9.79 11.70
N LYS B 65 -45.09 9.40 12.96
CA LYS B 65 -44.21 10.07 13.91
C LYS B 65 -42.94 9.24 14.10
N PRO B 66 -41.77 9.85 13.92
CA PRO B 66 -40.51 9.12 14.08
C PRO B 66 -40.18 8.95 15.56
N VAL B 67 -39.76 7.74 15.95
CA VAL B 67 -39.42 7.50 17.34
C VAL B 67 -37.92 7.68 17.57
N ARG B 68 -37.11 7.26 16.59
CA ARG B 68 -35.66 7.38 16.71
C ARG B 68 -34.99 7.16 15.36
N ILE B 69 -33.72 7.54 15.30
CA ILE B 69 -32.92 7.34 14.11
C ILE B 69 -32.32 5.95 14.33
N ALA B 70 -32.79 4.97 13.58
CA ALA B 70 -32.31 3.59 13.73
C ALA B 70 -30.98 3.32 13.04
N SER B 71 -30.72 4.00 11.93
CA SER B 71 -29.47 3.79 11.23
C SER B 71 -29.02 5.07 10.54
N ARG B 72 -27.73 5.36 10.62
CA ARG B 72 -27.20 6.57 10.01
C ARG B 72 -26.02 6.32 9.08
N PRO B 73 -26.28 6.05 7.80
CA PRO B 73 -25.16 5.82 6.89
C PRO B 73 -24.46 7.15 6.62
N MSE B 74 -23.36 7.12 5.88
CA MSE B 74 -22.64 8.36 5.58
C MSE B 74 -23.51 9.31 4.76
O MSE B 74 -24.46 8.91 4.11
CB MSE B 74 -21.37 8.10 4.76
CG MSE B 74 -20.39 7.11 5.37
SE MSE B 74 -20.89 5.32 4.91
CE MSE B 74 -20.30 5.34 3.08
N GLU B 75 -23.12 10.57 4.79
CA GLU B 75 -23.81 11.59 4.01
C GLU B 75 -23.40 11.31 2.57
N LYS B 76 -24.17 11.84 1.61
CA LYS B 76 -23.83 11.67 0.20
C LYS B 76 -22.52 12.42 -0.03
N PHE B 77 -21.57 11.81 -0.74
CA PHE B 77 -20.34 12.53 -1.06
C PHE B 77 -19.98 12.28 -2.53
N PHE B 78 -19.11 13.11 -3.08
CA PHE B 78 -18.80 12.99 -4.49
C PHE B 78 -17.35 12.81 -4.90
N ASN B 79 -17.14 12.62 -6.19
CA ASN B 79 -15.80 12.49 -6.73
C ASN B 79 -15.22 13.90 -6.77
N LEU B 80 -13.90 14.01 -6.76
CA LEU B 80 -13.27 15.31 -6.83
C LEU B 80 -13.60 15.92 -8.20
N ASN B 81 -13.88 17.22 -8.21
CA ASN B 81 -14.23 17.95 -9.43
C ASN B 81 -15.50 17.44 -10.15
N GLU B 82 -16.41 16.83 -9.40
CA GLU B 82 -17.66 16.31 -9.98
C GLU B 82 -18.70 17.43 -10.09
N ASN B 83 -18.71 18.30 -9.09
CA ASN B 83 -19.63 19.43 -9.04
C ASN B 83 -19.06 20.46 -8.07
N PRO B 84 -19.69 21.63 -7.94
CA PRO B 84 -19.19 22.67 -7.03
C PRO B 84 -18.77 22.23 -5.63
N PHE B 85 -19.43 21.21 -5.09
CA PHE B 85 -19.07 20.71 -3.76
C PHE B 85 -17.60 20.28 -3.70
N THR B 86 -17.09 19.74 -4.79
CA THR B 86 -15.72 19.26 -4.78
C THR B 86 -14.78 19.93 -5.78
N MSE B 87 -15.03 21.20 -6.03
CA MSE B 87 -14.18 21.97 -6.92
C MSE B 87 -13.50 22.98 -6.01
O MSE B 87 -14.04 23.33 -4.95
CB MSE B 87 -15.01 22.68 -7.99
CG MSE B 87 -15.91 21.75 -8.77
SE MSE B 87 -16.87 22.59 -10.23
CE MSE B 87 -16.13 21.53 -11.68
N ASN B 88 -12.31 23.43 -6.38
CA ASN B 88 -11.57 24.41 -5.58
C ASN B 88 -11.28 23.88 -4.18
N ILE B 89 -11.05 22.58 -4.07
CA ILE B 89 -10.71 21.96 -2.79
C ILE B 89 -9.21 22.12 -2.54
N ASP B 90 -8.85 22.47 -1.31
CA ASP B 90 -7.44 22.61 -0.96
C ASP B 90 -6.94 21.19 -0.68
N LEU B 91 -6.26 20.58 -1.64
CA LEU B 91 -5.78 19.22 -1.48
C LEU B 91 -4.84 19.01 -0.30
N ASN B 92 -4.21 20.09 0.17
CA ASN B 92 -3.32 19.95 1.31
C ASN B 92 -4.12 19.75 2.60
N ASP B 93 -5.44 19.94 2.52
CA ASP B 93 -6.28 19.75 3.69
C ASP B 93 -6.75 18.30 3.80
N VAL B 94 -6.24 17.44 2.91
CA VAL B 94 -6.59 16.03 2.96
C VAL B 94 -5.87 15.47 4.19
N ASP B 95 -6.61 14.83 5.10
CA ASP B 95 -6.00 14.27 6.30
C ASP B 95 -5.31 12.94 5.93
N TYR B 96 -6.09 12.01 5.41
CA TYR B 96 -5.59 10.70 4.99
C TYR B 96 -6.58 10.14 3.98
N ILE B 97 -6.25 9.01 3.37
CA ILE B 97 -7.16 8.38 2.42
C ILE B 97 -7.42 6.94 2.84
N LEU B 98 -8.50 6.37 2.32
CA LEU B 98 -8.86 5.00 2.64
C LEU B 98 -9.10 4.24 1.34
N THR B 99 -8.79 2.95 1.35
CA THR B 99 -9.02 2.12 0.18
C THR B 99 -10.52 2.16 -0.08
N LYS B 100 -10.91 2.48 -1.31
CA LYS B 100 -12.33 2.47 -1.62
C LYS B 100 -12.67 1.04 -2.06
N GLU B 101 -13.36 0.32 -1.19
CA GLU B 101 -13.75 -1.07 -1.46
C GLU B 101 -14.92 -1.04 -2.45
N ASP B 102 -15.04 -2.08 -3.28
CA ASP B 102 -16.08 -2.11 -4.32
C ASP B 102 -17.16 -3.17 -4.14
N GLY B 103 -18.19 -2.83 -3.38
CA GLY B 103 -19.30 -3.74 -3.14
C GLY B 103 -20.60 -3.00 -2.92
N SER B 104 -21.25 -3.26 -1.80
CA SER B 104 -22.50 -2.60 -1.46
C SER B 104 -22.47 -2.22 0.01
N LEU B 105 -22.88 -1.00 0.30
CA LEU B 105 -22.90 -0.50 1.66
C LEU B 105 -23.95 -1.19 2.52
N VAL B 106 -23.58 -1.57 3.73
CA VAL B 106 -24.51 -2.16 4.69
C VAL B 106 -24.28 -1.39 5.99
N SER B 107 -25.37 -1.02 6.65
CA SER B 107 -25.30 -0.24 7.88
C SER B 107 -26.09 -0.90 9.00
N THR B 108 -25.54 -0.85 10.20
CA THR B 108 -26.19 -1.46 11.35
C THR B 108 -27.37 -0.69 11.91
N TYR B 109 -28.23 -1.42 12.61
CA TYR B 109 -29.39 -0.86 13.29
C TYR B 109 -29.81 -1.91 14.32
N LEU B 110 -30.27 -1.46 15.47
CA LEU B 110 -30.69 -2.37 16.54
C LEU B 110 -32.18 -2.64 16.39
N ASP B 111 -32.52 -3.92 16.26
CA ASP B 111 -33.91 -4.31 16.12
C ASP B 111 -34.26 -5.20 17.30
N GLY B 112 -34.84 -4.59 18.33
CA GLY B 112 -35.19 -5.34 19.52
C GLY B 112 -33.91 -5.68 20.25
N ASP B 113 -33.58 -6.97 20.31
CA ASP B 113 -32.36 -7.40 20.96
C ASP B 113 -31.34 -7.85 19.91
N GLU B 114 -31.70 -7.68 18.65
CA GLU B 114 -30.84 -8.09 17.54
C GLU B 114 -30.11 -6.94 16.85
N ILE B 115 -28.87 -7.19 16.46
CA ILE B 115 -28.08 -6.20 15.73
C ILE B 115 -28.12 -6.67 14.28
N LEU B 116 -28.72 -5.86 13.42
CA LEU B 116 -28.86 -6.22 12.00
C LEU B 116 -28.28 -5.20 11.03
N PHE B 117 -28.31 -5.55 9.74
CA PHE B 117 -27.80 -4.70 8.68
C PHE B 117 -28.88 -4.24 7.71
N LYS B 118 -28.64 -3.09 7.08
CA LYS B 118 -29.56 -2.57 6.08
C LYS B 118 -28.69 -2.13 4.92
N SER B 119 -29.16 -2.36 3.70
CA SER B 119 -28.42 -1.92 2.53
C SER B 119 -28.89 -0.47 2.30
N LYS B 120 -28.41 0.17 1.25
CA LYS B 120 -28.81 1.55 0.97
C LYS B 120 -30.30 1.81 1.16
N GLY B 121 -31.14 1.07 0.42
CA GLY B 121 -32.56 1.28 0.51
C GLY B 121 -33.49 0.18 1.02
N SER B 122 -32.96 -0.75 1.80
CA SER B 122 -33.81 -1.82 2.32
C SER B 122 -33.15 -2.62 3.44
N ILE B 123 -33.98 -3.17 4.33
CA ILE B 123 -33.50 -3.98 5.45
C ILE B 123 -33.60 -5.45 5.09
N LYS B 124 -34.08 -5.73 3.89
CA LYS B 124 -34.24 -7.11 3.47
C LYS B 124 -33.73 -7.40 2.07
N SER B 125 -32.81 -6.57 1.60
CA SER B 125 -32.23 -6.77 0.28
C SER B 125 -31.37 -8.02 0.41
N GLU B 126 -30.87 -8.51 -0.71
CA GLU B 126 -30.04 -9.70 -0.70
C GLU B 126 -28.75 -9.46 0.08
N GLN B 127 -28.16 -8.28 -0.10
CA GLN B 127 -26.90 -7.95 0.60
C GLN B 127 -27.15 -7.86 2.11
N ALA B 128 -28.25 -7.21 2.49
CA ALA B 128 -28.60 -7.05 3.90
C ALA B 128 -28.75 -8.38 4.63
N LEU B 129 -29.47 -9.31 4.02
CA LEU B 129 -29.70 -10.63 4.60
C LEU B 129 -28.40 -11.44 4.68
N MSE B 130 -27.60 -11.38 3.63
CA MSE B 130 -26.34 -12.10 3.63
C MSE B 130 -25.42 -11.49 4.69
O MSE B 130 -24.71 -12.20 5.38
CB MSE B 130 -25.70 -12.02 2.24
CG MSE B 130 -26.49 -12.77 1.17
SE MSE B 130 -25.59 -12.75 -0.54
CE MSE B 130 -26.07 -10.99 -1.16
N ALA B 131 -25.49 -10.17 4.83
CA ALA B 131 -24.68 -9.47 5.82
C ALA B 131 -25.07 -9.95 7.22
N ASN B 132 -26.38 -10.07 7.45
CA ASN B 132 -26.89 -10.54 8.74
C ASN B 132 -26.39 -11.96 9.02
N GLY B 133 -26.32 -12.78 7.97
CA GLY B 133 -25.87 -14.15 8.11
C GLY B 133 -24.44 -14.25 8.58
N ILE B 134 -23.62 -13.34 8.09
CA ILE B 134 -22.22 -13.28 8.44
C ILE B 134 -22.05 -12.96 9.92
N LEU B 135 -22.78 -11.95 10.38
CA LEU B 135 -22.71 -11.51 11.76
C LEU B 135 -23.15 -12.59 12.76
N MSE B 136 -23.92 -13.57 12.26
CA MSE B 136 -24.40 -14.68 13.09
C MSE B 136 -23.35 -15.78 13.23
O MSE B 136 -23.39 -16.59 14.15
CB MSE B 136 -25.69 -15.25 12.47
CG MSE B 136 -26.91 -15.27 13.39
SE MSE B 136 -28.09 -13.73 13.20
CE MSE B 136 -27.55 -12.73 14.76
N ASN B 137 -22.41 -15.80 12.29
CA ASN B 137 -21.35 -16.79 12.30
C ASN B 137 -20.57 -16.68 13.61
N ILE B 138 -20.26 -17.82 14.21
CA ILE B 138 -19.52 -17.88 15.46
C ILE B 138 -18.16 -17.15 15.34
N ASN B 139 -17.59 -17.19 14.14
CA ASN B 139 -16.29 -16.58 13.86
C ASN B 139 -16.34 -15.05 13.90
N HIS B 140 -17.55 -14.51 14.05
CA HIS B 140 -17.73 -13.08 14.11
C HIS B 140 -18.54 -12.65 15.35
N HIS B 141 -18.57 -13.48 16.38
CA HIS B 141 -19.35 -13.14 17.57
C HIS B 141 -18.77 -11.98 18.39
N ARG B 142 -17.47 -11.80 18.34
CA ARG B 142 -16.84 -10.71 19.08
C ARG B 142 -17.20 -9.39 18.40
N LEU B 143 -17.21 -9.39 17.07
CA LEU B 143 -17.58 -8.19 16.31
C LEU B 143 -19.06 -7.90 16.54
N ARG B 144 -19.90 -8.93 16.45
CA ARG B 144 -21.32 -8.75 16.65
C ARG B 144 -21.61 -8.05 17.99
N ASP B 145 -20.92 -8.49 19.04
CA ASP B 145 -21.07 -7.92 20.37
C ASP B 145 -20.71 -6.43 20.34
N ARG B 146 -19.59 -6.13 19.68
CA ARG B 146 -19.11 -4.77 19.54
C ARG B 146 -20.14 -3.89 18.84
N LEU B 147 -20.67 -4.39 17.73
CA LEU B 147 -21.66 -3.65 16.96
C LEU B 147 -22.98 -3.47 17.72
N LYS B 148 -23.41 -4.50 18.44
CA LYS B 148 -24.65 -4.40 19.20
C LYS B 148 -24.56 -3.30 20.27
N GLU B 149 -23.45 -3.27 21.00
CA GLU B 149 -23.27 -2.27 22.04
C GLU B 149 -23.22 -0.86 21.43
N LEU B 150 -22.52 -0.72 20.31
CA LEU B 150 -22.43 0.57 19.63
C LEU B 150 -23.83 1.06 19.26
N ALA B 151 -24.64 0.16 18.71
CA ALA B 151 -26.01 0.47 18.30
C ALA B 151 -26.87 0.88 19.49
N GLU B 152 -26.71 0.18 20.61
CA GLU B 152 -27.44 0.50 21.82
C GLU B 152 -27.01 1.88 22.33
N ASP B 153 -25.82 2.32 21.92
CA ASP B 153 -25.31 3.63 22.34
C ASP B 153 -25.57 4.70 21.29
N GLY B 154 -26.35 4.36 20.26
CA GLY B 154 -26.67 5.34 19.23
C GLY B 154 -25.65 5.55 18.13
N PHE B 155 -24.92 4.50 17.79
CA PHE B 155 -23.90 4.57 16.73
C PHE B 155 -24.21 3.58 15.61
N THR B 156 -23.92 3.99 14.37
CA THR B 156 -24.13 3.14 13.22
C THR B 156 -22.79 2.75 12.61
N ALA B 157 -22.55 1.45 12.47
CA ALA B 157 -21.30 1.00 11.86
C ALA B 157 -21.59 0.78 10.37
N ASN B 158 -20.78 1.39 9.51
CA ASN B 158 -20.96 1.26 8.08
C ASN B 158 -19.87 0.35 7.46
N PHE B 159 -20.33 -0.67 6.75
CA PHE B 159 -19.43 -1.65 6.11
C PHE B 159 -19.62 -1.72 4.60
N GLU B 160 -18.62 -2.22 3.92
CA GLU B 160 -18.74 -2.44 2.49
C GLU B 160 -18.91 -3.96 2.41
N PHE B 161 -20.04 -4.42 1.88
CA PHE B 161 -20.29 -5.84 1.74
C PHE B 161 -19.73 -6.27 0.39
N VAL B 162 -18.76 -7.18 0.39
CA VAL B 162 -18.19 -7.66 -0.87
C VAL B 162 -18.34 -9.17 -0.98
N ALA B 163 -18.40 -9.66 -2.22
CA ALA B 163 -18.57 -11.08 -2.48
C ALA B 163 -18.39 -11.39 -3.95
N PRO B 164 -17.97 -12.63 -4.28
CA PRO B 164 -17.78 -13.00 -5.68
C PRO B 164 -19.11 -13.01 -6.42
N THR B 165 -20.20 -13.11 -5.66
CA THR B 165 -21.54 -13.11 -6.20
C THR B 165 -22.19 -11.72 -6.16
N ASN B 166 -21.40 -10.72 -5.78
CA ASN B 166 -21.88 -9.33 -5.71
C ASN B 166 -20.84 -8.45 -6.38
N ARG B 167 -20.35 -8.92 -7.52
CA ARG B 167 -19.32 -8.19 -8.24
C ARG B 167 -19.81 -6.96 -8.98
N ILE B 168 -19.11 -5.84 -8.79
CA ILE B 168 -19.44 -4.61 -9.49
C ILE B 168 -18.34 -4.53 -10.56
N VAL B 169 -17.11 -4.29 -10.13
CA VAL B 169 -15.96 -4.23 -11.02
C VAL B 169 -14.85 -5.11 -10.47
N LEU B 170 -14.45 -4.84 -9.23
CA LEU B 170 -13.38 -5.60 -8.58
C LEU B 170 -13.83 -7.02 -8.24
N ALA B 171 -12.92 -7.98 -8.43
CA ALA B 171 -13.21 -9.38 -8.16
C ALA B 171 -12.76 -9.80 -6.75
N TYR B 172 -13.71 -9.91 -5.83
CA TYR B 172 -13.41 -10.31 -4.46
C TYR B 172 -13.56 -11.84 -4.39
N GLN B 173 -12.60 -12.50 -3.76
CA GLN B 173 -12.63 -13.96 -3.65
C GLN B 173 -13.61 -14.51 -2.62
N GLU B 174 -13.76 -13.83 -1.49
CA GLU B 174 -14.69 -14.32 -0.47
C GLU B 174 -15.72 -13.27 -0.07
N MSE B 175 -16.85 -13.73 0.45
CA MSE B 175 -17.91 -12.86 0.90
C MSE B 175 -17.55 -12.39 2.30
O MSE B 175 -17.30 -13.20 3.18
CB MSE B 175 -19.25 -13.61 0.93
CG MSE B 175 -20.43 -12.77 1.42
SE MSE B 175 -22.07 -13.80 1.74
CE MSE B 175 -22.56 -14.19 -0.08
N LYS B 176 -17.53 -11.08 2.50
CA LYS B 176 -17.19 -10.52 3.80
C LYS B 176 -17.62 -9.07 3.91
N ILE B 177 -17.56 -8.52 5.12
CA ILE B 177 -17.91 -7.11 5.32
C ILE B 177 -16.66 -6.39 5.83
N ILE B 178 -16.39 -5.23 5.23
CA ILE B 178 -15.23 -4.41 5.57
C ILE B 178 -15.69 -3.15 6.28
N LEU B 179 -15.21 -2.92 7.50
CA LEU B 179 -15.61 -1.75 8.27
C LEU B 179 -15.06 -0.47 7.67
N LEU B 180 -15.95 0.45 7.34
CA LEU B 180 -15.56 1.71 6.73
C LEU B 180 -15.51 2.85 7.73
N ASN B 181 -16.55 2.96 8.55
CA ASN B 181 -16.62 4.02 9.54
C ASN B 181 -17.75 3.79 10.53
N VAL B 182 -17.79 4.60 11.59
CA VAL B 182 -18.83 4.51 12.61
C VAL B 182 -19.34 5.93 12.82
N ARG B 183 -20.64 6.11 12.61
CA ARG B 183 -21.25 7.42 12.75
C ARG B 183 -22.27 7.47 13.86
N GLU B 184 -22.28 8.58 14.60
CA GLU B 184 -23.22 8.80 15.69
C GLU B 184 -24.60 9.15 15.11
N ASN B 185 -25.60 8.33 15.42
CA ASN B 185 -26.95 8.53 14.89
C ASN B 185 -27.51 9.94 15.04
N GLU B 186 -27.53 10.42 16.28
CA GLU B 186 -28.10 11.72 16.59
C GLU B 186 -27.42 12.94 15.99
N THR B 187 -26.10 12.95 15.99
CA THR B 187 -25.35 14.10 15.49
C THR B 187 -24.74 13.97 14.10
N GLY B 188 -24.55 12.73 13.64
CA GLY B 188 -23.94 12.54 12.34
C GLY B 188 -22.42 12.65 12.41
N GLU B 189 -21.89 12.79 13.62
CA GLU B 189 -20.44 12.88 13.80
C GLU B 189 -19.84 11.49 13.72
N TYR B 190 -18.62 11.41 13.20
CA TYR B 190 -17.92 10.13 13.07
C TYR B 190 -16.93 9.87 14.19
N ILE B 191 -16.76 8.61 14.56
CA ILE B 191 -15.77 8.24 15.57
C ILE B 191 -14.50 8.27 14.72
N SER B 192 -13.41 8.80 15.28
CA SER B 192 -12.16 8.90 14.54
C SER B 192 -11.65 7.53 14.10
N TYR B 193 -10.95 7.51 12.98
CA TYR B 193 -10.40 6.28 12.48
C TYR B 193 -9.48 5.71 13.56
N ASP B 194 -8.69 6.58 14.20
CA ASP B 194 -7.78 6.14 15.25
C ASP B 194 -8.50 5.45 16.41
N ASP B 195 -9.66 5.97 16.80
CA ASP B 195 -10.39 5.32 17.90
C ASP B 195 -10.88 3.93 17.48
N ILE B 196 -11.23 3.77 16.21
CA ILE B 196 -11.68 2.46 15.73
C ILE B 196 -10.46 1.55 15.65
N TYR B 197 -9.37 2.09 15.13
CA TYR B 197 -8.13 1.33 14.97
C TYR B 197 -7.63 0.80 16.32
N LYS B 198 -7.87 1.56 17.38
CA LYS B 198 -7.44 1.14 18.71
C LYS B 198 -8.09 -0.14 19.18
N ASP B 199 -9.31 -0.41 18.72
CA ASP B 199 -10.03 -1.62 19.12
C ASP B 199 -9.49 -2.83 18.34
N ALA B 200 -8.75 -3.70 19.04
CA ALA B 200 -8.15 -4.88 18.40
C ALA B 200 -9.19 -5.84 17.83
N THR B 201 -10.41 -5.79 18.35
CA THR B 201 -11.46 -6.66 17.85
C THR B 201 -12.01 -6.16 16.51
N LEU B 202 -11.98 -4.85 16.31
CA LEU B 202 -12.48 -4.26 15.06
C LEU B 202 -11.41 -4.13 13.99
N ARG B 203 -10.18 -3.89 14.42
CA ARG B 203 -9.07 -3.70 13.49
C ARG B 203 -9.00 -4.69 12.32
N PRO B 204 -9.23 -6.00 12.59
CA PRO B 204 -9.16 -6.94 11.47
C PRO B 204 -10.17 -6.73 10.34
N TYR B 205 -11.27 -6.04 10.61
CA TYR B 205 -12.28 -5.79 9.59
C TYR B 205 -12.13 -4.40 9.02
N LEU B 206 -11.32 -3.59 9.67
CA LEU B 206 -11.13 -2.21 9.29
C LEU B 206 -10.49 -1.96 7.93
N VAL B 207 -11.12 -1.07 7.16
CA VAL B 207 -10.63 -0.71 5.84
C VAL B 207 -9.25 -0.07 6.02
N GLU B 208 -8.36 -0.29 5.07
CA GLU B 208 -7.00 0.23 5.16
C GLU B 208 -6.83 1.73 4.95
N ARG B 209 -6.00 2.33 5.79
CA ARG B 209 -5.69 3.75 5.71
C ARG B 209 -4.26 3.98 5.23
N TYR B 210 -4.10 5.02 4.41
CA TYR B 210 -2.79 5.40 3.90
C TYR B 210 -2.61 6.85 4.36
N GLU B 211 -1.52 7.12 5.06
CA GLU B 211 -1.28 8.47 5.56
C GLU B 211 -0.81 9.37 4.42
N ILE B 212 -1.12 10.65 4.51
CA ILE B 212 -0.81 11.60 3.44
C ILE B 212 -0.08 12.89 3.83
N ASP B 213 0.90 13.25 3.02
CA ASP B 213 1.68 14.47 3.20
C ASP B 213 1.71 15.27 1.89
N SER B 214 1.26 14.66 0.80
CA SER B 214 1.21 15.33 -0.50
C SER B 214 0.07 14.77 -1.35
N PRO B 215 -0.33 15.51 -2.40
CA PRO B 215 -1.42 15.05 -3.28
C PRO B 215 -0.99 14.11 -4.43
N LYS B 216 0.20 13.52 -4.32
CA LYS B 216 0.69 12.61 -5.35
C LYS B 216 -0.16 11.35 -5.55
N TRP B 217 -0.85 10.92 -4.49
CA TRP B 217 -1.70 9.74 -4.57
C TRP B 217 -2.81 9.90 -5.60
N ILE B 218 -3.21 11.14 -5.84
CA ILE B 218 -4.32 11.40 -6.77
C ILE B 218 -4.07 10.97 -8.21
N GLU B 219 -3.00 11.47 -8.82
CA GLU B 219 -2.68 11.10 -10.20
C GLU B 219 -2.34 9.63 -10.28
N GLU B 220 -1.75 9.10 -9.21
CA GLU B 220 -1.41 7.68 -9.18
C GLU B 220 -2.68 6.84 -9.12
N ALA B 221 -3.69 7.34 -8.41
CA ALA B 221 -4.98 6.64 -8.31
C ALA B 221 -5.66 6.61 -9.67
N LYS B 222 -5.70 7.77 -10.31
CA LYS B 222 -6.31 7.93 -11.63
C LYS B 222 -5.70 7.00 -12.68
N ASN B 223 -4.39 6.77 -12.58
CA ASN B 223 -3.67 5.93 -13.54
C ASN B 223 -3.51 4.46 -13.13
N ALA B 224 -4.00 4.10 -11.95
CA ALA B 224 -3.87 2.73 -11.47
C ALA B 224 -4.86 1.75 -12.11
N GLU B 225 -4.58 0.46 -11.94
CA GLU B 225 -5.45 -0.58 -12.47
C GLU B 225 -5.71 -1.60 -11.38
N ASN B 226 -6.85 -2.30 -11.49
CA ASN B 226 -7.23 -3.32 -10.53
C ASN B 226 -7.58 -2.80 -9.14
N ILE B 227 -7.99 -1.54 -9.09
CA ILE B 227 -8.44 -0.91 -7.85
C ILE B 227 -9.51 0.11 -8.25
N GLU B 228 -10.47 0.36 -7.37
CA GLU B 228 -11.49 1.36 -7.68
C GLU B 228 -10.87 2.72 -7.42
N GLY B 229 -10.22 2.84 -6.27
CA GLY B 229 -9.60 4.10 -5.90
C GLY B 229 -9.55 4.32 -4.41
N TYR B 230 -9.82 5.54 -3.97
CA TYR B 230 -9.76 5.87 -2.55
C TYR B 230 -10.79 6.90 -2.13
N VAL B 231 -11.05 6.94 -0.83
CA VAL B 231 -11.96 7.91 -0.27
C VAL B 231 -11.08 8.76 0.63
N ALA B 232 -11.04 10.05 0.35
CA ALA B 232 -10.23 10.96 1.15
C ALA B 232 -11.07 11.53 2.29
N VAL B 233 -10.45 11.65 3.46
CA VAL B 233 -11.10 12.21 4.63
C VAL B 233 -10.37 13.52 4.88
N MSE B 234 -11.12 14.62 4.89
CA MSE B 234 -10.55 15.95 5.11
C MSE B 234 -10.32 16.24 6.59
O MSE B 234 -10.80 15.51 7.46
CB MSE B 234 -11.49 17.03 4.53
CG MSE B 234 -11.82 16.86 3.06
SE MSE B 234 -10.25 17.02 1.96
CE MSE B 234 -10.12 18.95 1.91
N LYS B 235 -9.60 17.32 6.87
CA LYS B 235 -9.34 17.72 8.24
C LYS B 235 -10.67 17.97 8.97
N ASP B 236 -11.69 18.43 8.24
CA ASP B 236 -12.98 18.70 8.86
C ASP B 236 -13.91 17.50 8.91
N GLY B 237 -13.43 16.34 8.47
CA GLY B 237 -14.23 15.14 8.48
C GLY B 237 -15.04 14.85 7.22
N SER B 238 -15.03 15.79 6.28
CA SER B 238 -15.78 15.62 5.04
C SER B 238 -15.05 14.65 4.10
N HIS B 239 -15.75 14.16 3.09
CA HIS B 239 -15.14 13.21 2.16
C HIS B 239 -15.28 13.60 0.69
N PHE B 240 -14.46 12.95 -0.13
CA PHE B 240 -14.49 13.09 -1.59
C PHE B 240 -13.78 11.84 -2.10
N LYS B 241 -14.00 11.47 -3.35
CA LYS B 241 -13.36 10.26 -3.82
C LYS B 241 -12.59 10.42 -5.13
N ILE B 242 -11.65 9.52 -5.33
CA ILE B 242 -10.85 9.48 -6.55
C ILE B 242 -10.95 8.04 -7.05
N LYS B 243 -11.48 7.87 -8.25
CA LYS B 243 -11.62 6.54 -8.84
C LYS B 243 -10.68 6.50 -10.05
N SER B 244 -10.07 5.35 -10.28
CA SER B 244 -9.16 5.20 -11.41
C SER B 244 -9.93 5.25 -12.71
N ASP B 245 -9.28 5.72 -13.77
CA ASP B 245 -9.91 5.78 -15.07
C ASP B 245 -10.22 4.35 -15.50
N TRP B 246 -9.36 3.43 -15.08
CA TRP B 246 -9.53 2.00 -15.36
C TRP B 246 -10.87 1.51 -14.82
N TYR B 247 -11.16 1.86 -13.57
CA TYR B 247 -12.41 1.46 -12.92
C TYR B 247 -13.62 2.06 -13.63
N VAL B 248 -13.57 3.37 -13.83
CA VAL B 248 -14.66 4.10 -14.45
C VAL B 248 -14.92 3.63 -15.89
N SER B 249 -13.85 3.29 -16.61
CA SER B 249 -13.98 2.80 -17.99
C SER B 249 -14.72 1.45 -18.04
N LEU B 250 -14.63 0.69 -16.96
CA LEU B 250 -15.29 -0.60 -16.88
C LEU B 250 -16.69 -0.47 -16.29
N HIS B 251 -16.84 0.45 -15.33
CA HIS B 251 -18.12 0.69 -14.67
C HIS B 251 -19.08 1.46 -15.58
N SER B 252 -18.53 2.38 -16.38
CA SER B 252 -19.33 3.17 -17.31
C SER B 252 -19.99 2.22 -18.31
N THR B 253 -19.20 1.24 -18.77
CA THR B 253 -19.60 0.20 -19.72
C THR B 253 -18.80 0.22 -21.03
N LYS B 254 -19.02 1.23 -21.86
CA LYS B 254 -18.34 1.32 -23.14
C LYS B 254 -17.84 2.71 -23.52
N SER B 255 -18.24 3.17 -24.70
CA SER B 255 -17.83 4.47 -25.21
C SER B 255 -18.95 5.49 -25.05
N SER B 256 -19.18 5.91 -23.81
CA SER B 256 -20.23 6.88 -23.50
C SER B 256 -20.09 8.22 -24.21
N LEU B 257 -18.90 8.79 -24.20
CA LEU B 257 -18.69 10.09 -24.84
C LEU B 257 -18.76 10.10 -26.37
N ASP B 258 -18.90 8.92 -26.97
CA ASP B 258 -18.97 8.85 -28.42
C ASP B 258 -20.28 8.29 -28.95
N ASN B 259 -21.15 7.87 -28.03
CA ASN B 259 -22.45 7.31 -28.40
C ASN B 259 -23.52 7.76 -27.42
N PRO B 260 -24.44 8.62 -27.88
CA PRO B 260 -25.52 9.15 -27.04
C PRO B 260 -26.32 8.08 -26.29
N GLU B 261 -26.54 6.93 -26.94
CA GLU B 261 -27.30 5.86 -26.30
C GLU B 261 -26.54 5.35 -25.08
N LYS B 262 -25.24 5.18 -25.24
CA LYS B 262 -24.39 4.69 -24.16
C LYS B 262 -24.24 5.73 -23.05
N LEU B 263 -24.16 7.01 -23.43
CA LEU B 263 -24.04 8.05 -22.43
C LEU B 263 -25.31 8.05 -21.59
N PHE B 264 -26.46 8.02 -22.26
CA PHE B 264 -27.75 8.01 -21.56
C PHE B 264 -27.85 6.79 -20.65
N LYS B 265 -27.31 5.67 -21.12
CA LYS B 265 -27.32 4.43 -20.35
C LYS B 265 -26.52 4.63 -19.06
N THR B 266 -25.36 5.25 -19.17
CA THR B 266 -24.51 5.49 -18.01
C THR B 266 -25.23 6.40 -17.01
N ILE B 267 -25.93 7.41 -17.52
CA ILE B 267 -26.67 8.32 -16.65
C ILE B 267 -27.78 7.55 -15.94
N ILE B 268 -28.46 6.70 -16.70
CA ILE B 268 -29.55 5.89 -16.14
C ILE B 268 -29.00 4.96 -15.05
N ASP B 269 -27.82 4.40 -15.30
CA ASP B 269 -27.20 3.50 -14.35
C ASP B 269 -26.69 4.22 -13.10
N GLY B 270 -26.69 5.56 -13.16
CA GLY B 270 -26.22 6.35 -12.03
C GLY B 270 -24.70 6.42 -11.94
N ALA B 271 -24.03 6.23 -13.08
CA ALA B 271 -22.58 6.26 -13.12
C ALA B 271 -22.00 7.47 -13.86
N SER B 272 -22.85 8.37 -14.33
CA SER B 272 -22.38 9.55 -15.07
C SER B 272 -21.57 10.50 -14.18
N ASP B 273 -21.79 10.41 -12.87
CA ASP B 273 -21.05 11.26 -11.93
C ASP B 273 -19.55 10.90 -11.98
N ASP B 274 -19.25 9.62 -12.02
CA ASP B 274 -17.87 9.14 -12.09
C ASP B 274 -17.26 9.51 -13.44
N LEU B 275 -18.06 9.36 -14.49
CA LEU B 275 -17.59 9.68 -15.85
C LEU B 275 -17.31 11.16 -15.98
N LYS B 276 -18.18 11.97 -15.39
CA LYS B 276 -18.06 13.42 -15.40
C LYS B 276 -16.74 13.84 -14.72
N ALA B 277 -16.50 13.30 -13.53
CA ALA B 277 -15.26 13.61 -12.82
C ALA B 277 -14.04 13.14 -13.61
N MSE B 278 -14.15 11.97 -14.26
CA MSE B 278 -13.04 11.44 -15.05
C MSE B 278 -12.65 12.40 -16.17
O MSE B 278 -11.48 12.49 -16.54
CB MSE B 278 -13.41 10.09 -15.67
CG MSE B 278 -12.31 9.53 -16.56
SE MSE B 278 -12.67 7.79 -17.27
CE MSE B 278 -11.94 8.03 -19.04
N TYR B 279 -13.61 13.13 -16.70
CA TYR B 279 -13.35 14.08 -17.78
C TYR B 279 -13.38 15.52 -17.30
N ALA B 280 -13.11 15.75 -16.02
CA ALA B 280 -13.12 17.10 -15.45
C ALA B 280 -12.11 18.04 -16.12
N ASP B 281 -11.03 17.49 -16.65
CA ASP B 281 -10.02 18.31 -17.31
C ASP B 281 -10.40 18.57 -18.78
N ASP B 282 -11.42 17.88 -19.26
CA ASP B 282 -11.89 18.05 -20.64
C ASP B 282 -13.24 18.78 -20.55
N GLU B 283 -13.17 20.10 -20.50
CA GLU B 283 -14.34 20.96 -20.37
C GLU B 283 -15.47 20.60 -21.32
N TYR B 284 -15.16 20.39 -22.59
CA TYR B 284 -16.20 20.05 -23.54
C TYR B 284 -16.97 18.79 -23.13
N SER B 285 -16.22 17.73 -22.84
CA SER B 285 -16.84 16.47 -22.45
C SER B 285 -17.61 16.58 -21.13
N TYR B 286 -16.99 17.21 -20.14
CA TYR B 286 -17.64 17.37 -18.84
C TYR B 286 -18.99 18.05 -18.98
N ARG B 287 -19.03 19.17 -19.70
CA ARG B 287 -20.29 19.89 -19.86
C ARG B 287 -21.28 19.16 -20.76
N LYS B 288 -20.77 18.40 -21.73
CA LYS B 288 -21.64 17.65 -22.62
C LYS B 288 -22.39 16.62 -21.77
N ILE B 289 -21.65 15.94 -20.90
CA ILE B 289 -22.25 14.95 -20.03
C ILE B 289 -23.31 15.57 -19.13
N GLU B 290 -23.08 16.79 -18.66
CA GLU B 290 -24.06 17.45 -17.80
C GLU B 290 -25.32 17.78 -18.58
N ALA B 291 -25.15 18.19 -19.83
CA ALA B 291 -26.31 18.51 -20.67
C ALA B 291 -27.21 17.28 -20.80
N PHE B 292 -26.60 16.12 -21.04
CA PHE B 292 -27.36 14.87 -21.17
C PHE B 292 -28.05 14.54 -19.85
N GLU B 293 -27.36 14.79 -18.74
CA GLU B 293 -27.92 14.53 -17.43
C GLU B 293 -29.16 15.42 -17.23
N THR B 294 -28.99 16.71 -17.46
CA THR B 294 -30.10 17.65 -17.29
C THR B 294 -31.27 17.24 -18.19
N THR B 295 -30.96 16.87 -19.43
CA THR B 295 -32.00 16.45 -20.36
C THR B 295 -32.75 15.24 -19.82
N TYR B 296 -32.02 14.30 -19.23
CA TYR B 296 -32.64 13.10 -18.69
C TYR B 296 -33.48 13.35 -17.44
N LEU B 297 -32.99 14.19 -16.54
CA LEU B 297 -33.76 14.48 -15.33
C LEU B 297 -35.03 15.22 -15.69
N LYS B 298 -34.94 16.15 -16.64
CA LYS B 298 -36.10 16.92 -17.06
C LYS B 298 -37.15 15.99 -17.67
N TYR B 299 -36.70 15.10 -18.56
CA TYR B 299 -37.62 14.17 -19.19
C TYR B 299 -38.30 13.25 -18.17
N LEU B 300 -37.50 12.69 -17.26
CA LEU B 300 -38.03 11.78 -16.25
C LEU B 300 -39.10 12.43 -15.36
N ASP B 301 -38.89 13.68 -14.96
CA ASP B 301 -39.86 14.37 -14.13
C ASP B 301 -41.18 14.51 -14.87
N ARG B 302 -41.08 15.00 -16.11
CA ARG B 302 -42.25 15.21 -16.96
C ARG B 302 -42.94 13.88 -17.28
N ALA B 303 -42.20 12.90 -17.77
CA ALA B 303 -42.78 11.61 -18.12
C ALA B 303 -43.43 10.91 -16.94
N LEU B 304 -42.74 10.87 -15.81
CA LEU B 304 -43.27 10.20 -14.63
C LEU B 304 -44.56 10.86 -14.13
N PHE B 305 -44.61 12.19 -14.14
CA PHE B 305 -45.81 12.88 -13.71
C PHE B 305 -46.96 12.61 -14.68
N LEU B 306 -46.68 12.77 -15.97
CA LEU B 306 -47.70 12.56 -17.00
C LEU B 306 -48.32 11.17 -16.97
N VAL B 307 -47.49 10.14 -16.82
CA VAL B 307 -47.98 8.77 -16.77
C VAL B 307 -48.77 8.50 -15.49
N LEU B 308 -48.23 8.91 -14.35
CA LEU B 308 -48.91 8.67 -13.08
C LEU B 308 -50.16 9.53 -12.91
N ASP B 309 -50.10 10.79 -13.34
CA ASP B 309 -51.26 11.66 -13.24
C ASP B 309 -52.41 11.12 -14.08
N CYS B 310 -52.11 10.76 -15.32
CA CYS B 310 -53.12 10.23 -16.24
C CYS B 310 -53.77 8.97 -15.67
N HIS B 311 -52.93 8.08 -15.16
CA HIS B 311 -53.43 6.82 -14.60
C HIS B 311 -54.31 7.05 -13.38
N ASN B 312 -53.84 7.87 -12.44
CA ASN B 312 -54.61 8.14 -11.24
C ASN B 312 -55.97 8.81 -11.52
N LYS B 313 -55.96 9.83 -12.38
CA LYS B 313 -57.18 10.55 -12.72
C LYS B 313 -58.17 9.82 -13.64
N HIS B 314 -57.74 8.75 -14.29
CA HIS B 314 -58.63 8.03 -15.21
C HIS B 314 -58.64 6.53 -15.06
N CYS B 315 -57.98 6.03 -14.03
CA CYS B 315 -57.92 4.60 -13.81
C CYS B 315 -59.31 3.95 -13.64
N GLY B 316 -60.20 4.65 -12.95
CA GLY B 316 -61.54 4.11 -12.73
C GLY B 316 -62.41 3.92 -13.96
N LYS B 317 -62.30 4.82 -14.92
CA LYS B 317 -63.09 4.76 -16.14
C LYS B 317 -62.80 3.49 -16.95
N ASP B 318 -63.63 3.22 -17.94
CA ASP B 318 -63.49 2.03 -18.78
C ASP B 318 -62.24 2.12 -19.64
N ARG B 319 -61.93 1.02 -20.34
CA ARG B 319 -60.77 0.93 -21.22
C ARG B 319 -60.72 1.98 -22.33
N LYS B 320 -61.80 2.07 -23.09
CA LYS B 320 -61.89 3.01 -24.20
C LYS B 320 -61.69 4.46 -23.77
N THR B 321 -62.46 4.90 -22.78
CA THR B 321 -62.33 6.27 -22.30
C THR B 321 -60.92 6.51 -21.77
N TYR B 322 -60.38 5.53 -21.06
CA TYR B 322 -59.03 5.60 -20.50
C TYR B 322 -58.05 5.83 -21.64
N ALA B 323 -58.15 4.97 -22.66
CA ALA B 323 -57.30 5.04 -23.83
C ALA B 323 -57.33 6.43 -24.46
N MSE B 324 -58.52 7.02 -24.52
CA MSE B 324 -58.68 8.34 -25.09
C MSE B 324 -57.93 9.36 -24.27
O MSE B 324 -57.30 10.26 -24.81
CB MSE B 324 -60.14 8.78 -25.12
CG MSE B 324 -60.95 8.24 -26.26
SE MSE B 324 -62.69 9.06 -26.22
CE MSE B 324 -63.61 7.74 -25.15
N GLU B 325 -58.04 9.24 -22.95
CA GLU B 325 -57.36 10.15 -22.02
C GLU B 325 -55.86 9.96 -22.16
N ALA B 326 -55.46 8.71 -22.32
CA ALA B 326 -54.04 8.38 -22.47
C ALA B 326 -53.52 8.99 -23.77
N GLN B 327 -54.30 8.87 -24.85
CA GLN B 327 -53.89 9.44 -26.14
C GLN B 327 -53.74 10.94 -25.96
N GLY B 328 -54.77 11.52 -25.36
CA GLY B 328 -54.80 12.95 -25.13
C GLY B 328 -53.60 13.49 -24.42
N VAL B 329 -53.29 12.90 -23.26
CA VAL B 329 -52.14 13.34 -22.48
C VAL B 329 -50.82 13.09 -23.20
N ALA B 330 -50.71 11.93 -23.85
CA ALA B 330 -49.50 11.58 -24.58
C ALA B 330 -49.29 12.51 -25.77
N LYS B 331 -50.28 12.59 -26.65
CA LYS B 331 -50.18 13.44 -27.82
C LYS B 331 -50.01 14.91 -27.46
N GLY B 332 -50.81 15.36 -26.49
CA GLY B 332 -50.74 16.75 -26.07
C GLY B 332 -49.52 17.11 -25.26
N ALA B 333 -48.37 16.51 -25.59
CA ALA B 333 -47.14 16.81 -24.87
C ALA B 333 -45.89 16.36 -25.63
N GLY B 334 -46.06 15.97 -26.88
CA GLY B 334 -44.92 15.51 -27.66
C GLY B 334 -44.33 14.28 -26.99
N MSE B 335 -45.18 13.57 -26.27
CA MSE B 335 -44.81 12.36 -25.55
C MSE B 335 -45.64 11.19 -26.05
O MSE B 335 -46.16 10.40 -25.26
CB MSE B 335 -45.08 12.54 -24.05
CG MSE B 335 -44.42 13.75 -23.42
SE MSE B 335 -42.95 13.26 -22.28
CE MSE B 335 -41.56 13.31 -23.62
N ASP B 336 -45.78 11.08 -27.37
CA ASP B 336 -46.58 10.02 -27.98
C ASP B 336 -46.08 8.63 -27.64
N HIS B 337 -44.77 8.50 -27.43
CA HIS B 337 -44.15 7.21 -27.10
C HIS B 337 -44.54 6.70 -25.71
N LEU B 338 -45.22 7.54 -24.92
CA LEU B 338 -45.65 7.17 -23.57
C LEU B 338 -47.02 6.50 -23.53
N PHE B 339 -47.69 6.47 -24.68
CA PHE B 339 -49.01 5.87 -24.80
C PHE B 339 -49.02 4.43 -24.27
N GLY B 340 -48.03 3.64 -24.68
CA GLY B 340 -47.94 2.25 -24.24
C GLY B 340 -47.77 2.08 -22.74
N ILE B 341 -46.91 2.88 -22.14
CA ILE B 341 -46.67 2.81 -20.71
C ILE B 341 -47.96 3.17 -19.97
N ILE B 342 -48.67 4.17 -20.45
CA ILE B 342 -49.91 4.59 -19.82
C ILE B 342 -50.94 3.48 -19.92
N MSE B 343 -51.05 2.87 -21.09
CA MSE B 343 -52.01 1.79 -21.31
C MSE B 343 -51.68 0.51 -20.53
O MSE B 343 -52.52 -0.01 -19.79
CB MSE B 343 -52.07 1.40 -22.81
CG MSE B 343 -52.66 2.43 -23.79
SE MSE B 343 -54.55 2.87 -23.61
CE MSE B 343 -55.31 1.12 -23.94
N SER B 344 -50.50 -0.01 -20.79
CA SER B 344 -50.03 -1.25 -20.15
C SER B 344 -50.45 -1.30 -18.70
N LEU B 345 -50.65 -0.14 -18.10
CA LEU B 345 -51.05 -0.02 -16.71
C LEU B 345 -52.56 -0.15 -16.52
N TYR B 346 -53.28 -0.33 -17.63
CA TYR B 346 -54.74 -0.46 -17.55
C TYR B 346 -55.10 -1.78 -16.89
N GLN B 347 -54.39 -2.85 -17.25
CA GLN B 347 -54.63 -4.15 -16.66
C GLN B 347 -53.34 -4.78 -16.13
N GLY B 348 -52.22 -4.38 -16.72
CA GLY B 348 -50.93 -4.93 -16.29
C GLY B 348 -50.15 -4.02 -15.35
N TYR B 349 -50.87 -3.28 -14.52
CA TYR B 349 -50.26 -2.37 -13.55
C TYR B 349 -49.73 -3.10 -12.33
N ASP B 350 -48.52 -2.75 -11.90
CA ASP B 350 -47.93 -3.37 -10.72
C ASP B 350 -47.63 -2.34 -9.64
N SER B 351 -46.63 -1.49 -9.87
CA SER B 351 -46.26 -0.47 -8.89
C SER B 351 -45.71 0.80 -9.53
N GLN B 352 -45.02 1.60 -8.73
CA GLN B 352 -44.43 2.86 -9.18
C GLN B 352 -42.98 2.69 -9.68
N GLU B 353 -42.12 2.19 -8.80
CA GLU B 353 -40.72 1.94 -9.14
C GLU B 353 -40.68 1.21 -10.48
N LYS B 354 -41.58 0.24 -10.63
CA LYS B 354 -41.66 -0.54 -11.85
C LYS B 354 -41.96 0.38 -13.02
N VAL B 355 -42.93 1.27 -12.85
CA VAL B 355 -43.29 2.22 -13.89
C VAL B 355 -42.09 3.09 -14.27
N MSE B 356 -41.23 3.38 -13.31
CA MSE B 356 -40.05 4.18 -13.57
C MSE B 356 -39.02 3.42 -14.40
O MSE B 356 -38.32 4.00 -15.23
CB MSE B 356 -39.43 4.61 -12.25
CG MSE B 356 -38.41 5.70 -12.39
SE MSE B 356 -37.95 6.30 -10.65
CE MSE B 356 -39.69 6.78 -10.00
N CYS B 357 -38.95 2.10 -14.18
CA CYS B 357 -38.02 1.24 -14.91
C CYS B 357 -38.42 1.13 -16.36
N GLU B 358 -39.73 1.01 -16.60
CA GLU B 358 -40.23 0.90 -17.97
C GLU B 358 -40.00 2.19 -18.71
N ILE B 359 -40.19 3.31 -18.01
CA ILE B 359 -39.98 4.60 -18.64
C ILE B 359 -38.51 4.77 -18.99
N GLU B 360 -37.62 4.26 -18.14
CA GLU B 360 -36.18 4.35 -18.39
C GLU B 360 -35.81 3.53 -19.62
N GLN B 361 -36.30 2.29 -19.67
CA GLN B 361 -36.01 1.40 -20.79
C GLN B 361 -36.63 1.95 -22.07
N ASN B 362 -37.85 2.47 -21.95
CA ASN B 362 -38.54 3.01 -23.09
C ASN B 362 -37.79 4.24 -23.60
N PHE B 363 -37.19 4.98 -22.68
CA PHE B 363 -36.44 6.18 -23.03
C PHE B 363 -35.26 5.83 -23.93
N LEU B 364 -34.57 4.75 -23.59
CA LEU B 364 -33.41 4.29 -24.36
C LEU B 364 -33.74 3.92 -25.80
N LYS B 365 -34.99 3.58 -26.06
CA LYS B 365 -35.39 3.21 -27.42
C LYS B 365 -35.72 4.46 -28.21
N ASN B 366 -36.25 5.47 -27.53
CA ASN B 366 -36.61 6.72 -28.17
C ASN B 366 -35.70 7.85 -27.69
N TYR B 367 -34.41 7.54 -27.57
CA TYR B 367 -33.44 8.53 -27.09
C TYR B 367 -33.08 9.58 -28.14
N LYS B 368 -32.98 9.15 -29.39
CA LYS B 368 -32.61 10.05 -30.47
C LYS B 368 -33.29 11.41 -30.48
N LYS B 369 -34.61 11.44 -30.22
CA LYS B 369 -35.32 12.71 -30.22
C LYS B 369 -35.09 13.58 -28.98
N PHE B 370 -34.33 13.06 -28.02
CA PHE B 370 -34.06 13.80 -26.78
C PHE B 370 -32.64 14.35 -26.66
N ILE B 371 -31.76 13.95 -27.55
CA ILE B 371 -30.37 14.44 -27.52
C ILE B 371 -30.41 15.96 -27.42
N PRO B 372 -29.79 16.52 -26.37
CA PRO B 372 -29.77 17.98 -26.20
C PRO B 372 -29.31 18.73 -27.44
N GLU B 373 -30.00 19.82 -27.78
CA GLU B 373 -29.65 20.61 -28.95
C GLU B 373 -28.19 21.09 -28.90
N GLY B 374 -27.51 20.94 -30.02
CA GLY B 374 -26.12 21.35 -30.11
C GLY B 374 -25.18 20.16 -30.14
N TYR B 375 -25.68 18.99 -29.75
CA TYR B 375 -24.90 17.76 -29.73
C TYR B 375 -25.50 16.75 -30.70
PG APC C . 25.30 -6.87 5.20
O1G APC C . 24.39 -7.86 4.60
O2G APC C . 26.56 -6.68 4.24
O3G APC C . 25.79 -7.39 6.64
PB APC C . 23.02 -5.53 5.90
O1B APC C . 22.89 -6.53 6.98
O2B APC C . 22.60 -4.08 6.47
O3B APC C . 24.56 -5.42 5.36
PA APC C . 20.16 -5.42 4.78
O1A APC C . 19.26 -6.11 3.80
O2A APC C . 19.67 -5.77 6.25
C3A APC C . 21.91 -5.97 4.51
O5' APC C . 19.96 -3.79 4.58
C5' APC C . 20.82 -3.28 3.57
C4' APC C . 20.22 -3.51 2.17
O4' APC C . 18.81 -3.22 2.09
C3' APC C . 20.86 -2.61 1.10
O3' APC C . 22.16 -3.09 0.70
C2' APC C . 19.80 -2.65 -0.02
O2' APC C . 20.24 -3.46 -1.12
C1' APC C . 18.52 -3.20 0.66
N9 APC C . 17.35 -2.36 0.36
C8 APC C . 16.19 -2.81 -0.20
N7 APC C . 15.27 -1.89 -0.10
C5 APC C . 15.86 -0.70 0.19
C6 APC C . 15.45 0.66 0.20
N6 APC C . 14.15 1.02 -0.13
N1 APC C . 16.36 1.61 0.53
C2 APC C . 17.61 1.28 0.89
N3 APC C . 18.01 0.01 0.98
C4 APC C . 17.19 -1.00 0.57
CA CA D . 19.00 -7.80 2.00
MG MG E . 22.85 -8.30 8.29
CL CL F . 22.67 -5.94 -0.47
CL CL G . 33.09 -5.19 -16.36
PG APC H . -25.26 6.24 -5.45
O1G APC H . -24.61 5.01 -5.93
O2G APC H . -26.55 5.84 -4.59
O3G APC H . -25.69 7.14 -6.70
PB APC H . -22.70 7.13 -4.99
O1B APC H . -22.61 7.44 -6.43
O2B APC H . -21.92 8.24 -4.13
O3B APC H . -24.25 7.09 -4.48
PA APC H . -20.08 5.57 -4.68
O1A APC H . -19.54 4.19 -4.73
O2A APC H . -19.52 6.37 -5.94
C3A APC H . -21.92 5.49 -4.68
O5' APC H . -19.50 6.31 -3.34
C5' APC H . -20.28 5.99 -2.17
C4' APC H . -20.03 4.55 -1.69
O4' APC H . -18.62 4.24 -1.59
C3' APC H . -20.60 4.30 -0.30
O3' APC H . -22.00 3.99 -0.36
C2' APC H . -19.71 3.15 0.24
O2' APC H . -20.46 1.95 0.34
C1' APC H . -18.54 3.04 -0.78
N9 APC H . -17.23 2.95 -0.10
C8 APC H . -16.28 2.00 -0.34
N7 APC H . -15.21 2.24 0.36
C5 APC H . -15.43 3.30 1.17
C6 APC H . -14.68 3.99 2.19
N6 APC H . -13.38 3.61 2.47
N1 APC H . -15.26 5.00 2.87
C2 APC H . -16.50 5.42 2.56
N3 APC H . -17.20 4.87 1.56
C4 APC H . -16.73 3.79 0.88
MG MG I . -23.18 7.20 -8.66
CA CA J . -19.77 1.71 -5.20
CA CA K . 0.24 14.61 6.85
CA CA L . 3.89 13.64 7.89
CL CL M . -23.32 1.64 -1.98
#